data_1BUC
#
_entry.id   1BUC
#
_cell.length_a   107.800
_cell.length_b   107.800
_cell.length_c   153.700
_cell.angle_alpha   90.00
_cell.angle_beta   90.00
_cell.angle_gamma   90.00
#
_symmetry.space_group_name_H-M   'P 4 2 2'
#
loop_
_entity.id
_entity.type
_entity.pdbx_description
1 polymer 'BUTYRYL-COA DEHYDROGENASE'
2 non-polymer 'ACETOACETYL-COENZYME A'
3 non-polymer 'FLAVIN-ADENINE DINUCLEOTIDE'
#
_entity_poly.entity_id   1
_entity_poly.type   'polypeptide(L)'
_entity_poly.pdbx_seq_one_letter_code
;MDFNLTDIQQDFLKLAHDFGEKKLAPTVTERDHKGIYDKELIDELLSLGITGAYFEEKYGGSGDDGGDVLSYILAVEELA
KYDAGVAITLSATVSLCANPIWQFGTEAQKEKFLVPLVEGTKLGAFGLTEPNAGTDASGQQTIATKNDDGTYTLNGSKIF
ITNGGAADIYIVFAMTDKSKGNHGITAFILEDGTPGFTYGKKEDKMGIHTSQTMELVFQDVKVPAENMLGEEGKGFKIAM
MTLDGGRIGVAAQALGIAEAALADAVEYSKQRVQFGKPLCKFQSISFKLADMKMQIEAARNLVYKAACKKQEGKPFTVDA
AIAKRVASDVAMRVTTEAVQIFGGYGYSEEYPVARHMRDAKITQIYEGTNEVQLMVTGGALLR
;
_entity_poly.pdbx_strand_id   A,B
#
# COMPACT_ATOMS: atom_id res chain seq x y z
N MET A 1 1.38 -3.06 14.99
CA MET A 1 0.67 -2.94 13.68
C MET A 1 -0.68 -3.63 13.87
N ASP A 2 -1.66 -3.21 13.08
CA ASP A 2 -3.00 -3.76 13.18
C ASP A 2 -3.78 -3.12 12.04
N PHE A 3 -4.53 -3.93 11.30
CA PHE A 3 -5.34 -3.44 10.20
C PHE A 3 -6.81 -3.80 10.43
N ASN A 4 -7.30 -3.54 11.64
CA ASN A 4 -8.70 -3.82 11.95
C ASN A 4 -9.47 -2.53 12.25
N LEU A 5 -10.62 -2.41 11.60
CA LEU A 5 -11.49 -1.26 11.82
C LEU A 5 -12.18 -1.42 13.16
N THR A 6 -12.48 -0.32 13.82
CA THR A 6 -13.15 -0.36 15.10
C THR A 6 -14.67 -0.32 14.90
N ASP A 7 -15.41 -0.66 15.93
CA ASP A 7 -16.87 -0.61 15.89
C ASP A 7 -17.36 0.75 15.41
N ILE A 8 -16.78 1.79 15.98
CA ILE A 8 -17.13 3.16 15.66
C ILE A 8 -16.80 3.50 14.21
N GLN A 9 -15.64 3.05 13.74
CA GLN A 9 -15.25 3.25 12.35
C GLN A 9 -16.25 2.61 11.39
N GLN A 10 -16.76 1.44 11.78
CA GLN A 10 -17.73 0.73 10.97
C GLN A 10 -19.10 1.40 11.03
N ASP A 11 -19.40 2.04 12.16
CA ASP A 11 -20.66 2.77 12.29
C ASP A 11 -20.71 3.95 11.32
N PHE A 12 -19.70 4.82 11.36
CA PHE A 12 -19.63 5.95 10.44
C PHE A 12 -19.61 5.47 8.98
N LEU A 13 -19.01 4.31 8.73
CA LEU A 13 -18.94 3.74 7.40
C LEU A 13 -20.32 3.30 6.94
N LYS A 14 -21.04 2.61 7.82
CA LYS A 14 -22.39 2.13 7.54
C LYS A 14 -23.28 3.33 7.30
N LEU A 15 -23.12 4.32 8.18
CA LEU A 15 -23.85 5.57 8.12
C LEU A 15 -23.77 6.17 6.72
N ALA A 16 -22.57 6.43 6.25
CA ALA A 16 -22.37 7.00 4.91
C ALA A 16 -22.90 6.06 3.82
N HIS A 17 -22.81 4.75 4.05
CA HIS A 17 -23.24 3.79 3.05
C HIS A 17 -24.75 3.84 2.81
N ASP A 18 -25.53 4.04 3.87
CA ASP A 18 -26.99 4.11 3.72
C ASP A 18 -27.41 5.40 3.03
N PHE A 19 -26.77 6.51 3.39
CA PHE A 19 -27.06 7.78 2.71
C PHE A 19 -26.75 7.61 1.22
N GLY A 20 -25.60 7.00 0.92
CA GLY A 20 -25.24 6.77 -0.47
C GLY A 20 -26.29 5.93 -1.15
N GLU A 21 -26.64 4.81 -0.53
CA GLU A 21 -27.60 3.86 -1.07
C GLU A 21 -28.99 4.46 -1.32
N LYS A 22 -29.48 5.18 -0.33
CA LYS A 22 -30.85 5.67 -0.35
C LYS A 22 -31.04 7.04 -1.01
N LYS A 23 -30.21 7.99 -0.61
CA LYS A 23 -30.35 9.36 -1.10
C LYS A 23 -29.51 9.72 -2.32
N LEU A 24 -28.32 9.15 -2.44
CA LEU A 24 -27.43 9.49 -3.53
C LEU A 24 -27.62 8.68 -4.82
N ALA A 25 -27.56 7.37 -4.69
CA ALA A 25 -27.61 6.45 -5.84
C ALA A 25 -28.77 6.64 -6.81
N PRO A 26 -30.01 6.77 -6.31
CA PRO A 26 -31.15 6.86 -7.24
C PRO A 26 -31.20 8.08 -8.15
N THR A 27 -30.59 9.18 -7.72
CA THR A 27 -30.66 10.42 -8.49
C THR A 27 -29.36 10.83 -9.18
N VAL A 28 -28.26 10.14 -8.86
CA VAL A 28 -26.95 10.56 -9.35
C VAL A 28 -26.80 10.77 -10.84
N THR A 29 -27.39 9.89 -11.65
CA THR A 29 -27.29 10.02 -13.10
C THR A 29 -28.00 11.28 -13.63
N GLU A 30 -29.15 11.60 -13.04
CA GLU A 30 -29.89 12.81 -13.37
C GLU A 30 -29.10 14.05 -12.95
N ARG A 31 -28.72 14.09 -11.67
CA ARG A 31 -28.00 15.24 -11.13
C ARG A 31 -26.69 15.49 -11.84
N ASP A 32 -26.01 14.41 -12.23
CA ASP A 32 -24.73 14.55 -12.90
C ASP A 32 -24.91 15.05 -14.33
N HIS A 33 -25.86 14.47 -15.06
CA HIS A 33 -26.12 14.90 -16.42
C HIS A 33 -26.50 16.37 -16.46
N LYS A 34 -27.32 16.80 -15.51
CA LYS A 34 -27.79 18.18 -15.48
C LYS A 34 -26.84 19.14 -14.75
N GLY A 35 -25.80 18.58 -14.13
CA GLY A 35 -24.84 19.40 -13.42
C GLY A 35 -25.48 20.19 -12.31
N ILE A 36 -26.32 19.54 -11.51
CA ILE A 36 -26.98 20.23 -10.41
C ILE A 36 -26.31 19.98 -9.07
N TYR A 37 -26.31 21.02 -8.25
CA TYR A 37 -25.86 20.95 -6.87
C TYR A 37 -27.12 21.04 -6.01
N ASP A 38 -27.53 19.90 -5.44
CA ASP A 38 -28.74 19.84 -4.63
C ASP A 38 -28.44 20.19 -3.16
N LYS A 39 -28.84 21.39 -2.77
CA LYS A 39 -28.60 21.89 -1.43
C LYS A 39 -29.32 21.06 -0.37
N GLU A 40 -30.46 20.48 -0.73
CA GLU A 40 -31.21 19.68 0.24
C GLU A 40 -30.45 18.42 0.64
N LEU A 41 -29.87 17.72 -0.34
CA LEU A 41 -29.10 16.51 -0.05
C LEU A 41 -27.91 16.84 0.85
N ILE A 42 -27.21 17.92 0.52
CA ILE A 42 -26.07 18.31 1.34
C ILE A 42 -26.50 18.62 2.77
N ASP A 43 -27.62 19.31 2.92
CA ASP A 43 -28.14 19.60 4.26
C ASP A 43 -28.51 18.31 4.98
N GLU A 44 -28.88 17.30 4.21
CA GLU A 44 -29.18 16.00 4.77
C GLU A 44 -27.92 15.32 5.25
N LEU A 45 -26.88 15.36 4.43
CA LEU A 45 -25.60 14.74 4.75
C LEU A 45 -25.09 15.37 6.03
N LEU A 46 -25.03 16.70 6.02
CA LEU A 46 -24.52 17.46 7.16
C LEU A 46 -25.20 17.12 8.48
N SER A 47 -26.45 16.66 8.42
CA SER A 47 -27.21 16.29 9.61
C SER A 47 -26.93 14.91 10.17
N LEU A 48 -26.03 14.16 9.53
CA LEU A 48 -25.75 12.79 9.99
C LEU A 48 -24.71 12.68 11.09
N GLY A 49 -23.97 13.77 11.35
CA GLY A 49 -22.96 13.74 12.38
C GLY A 49 -21.56 13.35 11.88
N ILE A 50 -21.46 13.06 10.60
CA ILE A 50 -20.18 12.73 9.97
C ILE A 50 -19.22 13.89 10.11
N THR A 51 -19.74 15.09 9.91
CA THR A 51 -19.01 16.34 10.05
C THR A 51 -18.29 16.51 11.39
N GLY A 52 -18.78 15.82 12.43
CA GLY A 52 -18.17 15.98 13.74
C GLY A 52 -17.38 14.78 14.23
N ALA A 53 -17.17 13.80 13.37
CA ALA A 53 -16.49 12.55 13.73
C ALA A 53 -15.29 12.66 14.69
N TYR A 54 -14.32 13.52 14.39
CA TYR A 54 -13.14 13.61 15.22
C TYR A 54 -12.95 14.89 16.04
N PHE A 55 -13.99 15.70 16.12
CA PHE A 55 -13.92 16.90 16.94
C PHE A 55 -14.57 16.57 18.28
N GLU A 56 -14.16 17.26 19.35
CA GLU A 56 -14.67 16.94 20.68
C GLU A 56 -16.09 17.39 20.94
N GLU A 57 -16.72 16.71 21.90
CA GLU A 57 -18.10 16.93 22.27
C GLU A 57 -18.38 18.39 22.64
N LYS A 58 -17.35 19.10 23.09
CA LYS A 58 -17.52 20.51 23.45
C LYS A 58 -17.73 21.42 22.23
N TYR A 59 -17.62 20.85 21.03
CA TYR A 59 -17.89 21.57 19.79
C TYR A 59 -19.04 20.87 19.07
N GLY A 60 -19.51 19.78 19.66
CA GLY A 60 -20.59 19.01 19.06
C GLY A 60 -20.12 17.82 18.22
N GLY A 61 -18.90 17.35 18.45
CA GLY A 61 -18.38 16.22 17.69
C GLY A 61 -18.29 14.91 18.47
N SER A 62 -18.11 13.80 17.76
CA SER A 62 -18.03 12.47 18.37
C SER A 62 -16.61 12.10 18.79
N GLY A 63 -15.69 13.07 18.73
CA GLY A 63 -14.31 12.81 19.09
C GLY A 63 -14.13 12.26 20.48
N ASP A 64 -14.91 12.78 21.42
CA ASP A 64 -14.85 12.32 22.81
C ASP A 64 -15.47 10.94 23.00
N ASP A 65 -16.02 10.38 21.94
CA ASP A 65 -16.73 9.11 22.05
C ASP A 65 -16.17 8.04 21.11
N GLY A 66 -14.97 8.26 20.59
CA GLY A 66 -14.32 7.25 19.78
C GLY A 66 -14.32 7.51 18.29
N GLY A 67 -14.87 8.64 17.89
CA GLY A 67 -14.80 9.03 16.49
C GLY A 67 -13.42 9.59 16.24
N ASP A 68 -12.86 9.26 15.08
CA ASP A 68 -11.51 9.69 14.72
C ASP A 68 -11.41 10.05 13.26
N VAL A 69 -10.24 10.57 12.86
CA VAL A 69 -9.99 10.97 11.48
C VAL A 69 -10.33 9.87 10.49
N LEU A 70 -9.96 8.64 10.82
CA LEU A 70 -10.23 7.52 9.94
C LEU A 70 -11.71 7.31 9.71
N SER A 71 -12.52 7.44 10.76
CA SER A 71 -13.96 7.27 10.63
C SER A 71 -14.50 8.23 9.58
N TYR A 72 -13.99 9.45 9.61
CA TYR A 72 -14.37 10.48 8.65
C TYR A 72 -13.86 10.10 7.26
N ILE A 73 -12.63 9.58 7.20
CA ILE A 73 -12.03 9.15 5.93
C ILE A 73 -12.81 7.97 5.31
N LEU A 74 -13.27 7.04 6.14
CA LEU A 74 -14.06 5.91 5.67
C LEU A 74 -15.36 6.41 5.04
N ALA A 75 -15.91 7.46 5.63
CA ALA A 75 -17.13 8.10 5.15
C ALA A 75 -16.90 8.69 3.78
N VAL A 76 -15.83 9.46 3.63
CA VAL A 76 -15.51 10.12 2.36
C VAL A 76 -15.33 9.09 1.25
N GLU A 77 -14.62 8.01 1.57
CA GLU A 77 -14.41 6.93 0.61
C GLU A 77 -15.76 6.37 0.16
N GLU A 78 -16.59 6.04 1.15
CA GLU A 78 -17.90 5.44 0.90
C GLU A 78 -18.80 6.31 0.02
N LEU A 79 -18.89 7.59 0.35
CA LEU A 79 -19.70 8.54 -0.43
C LEU A 79 -19.18 8.65 -1.86
N ALA A 80 -17.85 8.65 -1.99
CA ALA A 80 -17.20 8.73 -3.30
C ALA A 80 -17.59 7.59 -4.23
N LYS A 81 -18.02 6.46 -3.68
CA LYS A 81 -18.45 5.34 -4.51
C LYS A 81 -19.74 5.67 -5.23
N TYR A 82 -20.57 6.52 -4.62
CA TYR A 82 -21.86 6.85 -5.20
C TYR A 82 -21.80 8.16 -5.95
N ASP A 83 -21.32 9.19 -5.27
CA ASP A 83 -21.29 10.52 -5.84
C ASP A 83 -20.01 11.24 -5.46
N ALA A 84 -19.05 11.20 -6.37
CA ALA A 84 -17.74 11.79 -6.15
C ALA A 84 -17.84 13.29 -5.84
N GLY A 85 -18.77 13.97 -6.50
CA GLY A 85 -18.96 15.39 -6.27
C GLY A 85 -19.45 15.72 -4.88
N VAL A 86 -20.34 14.89 -4.35
CA VAL A 86 -20.86 15.06 -2.99
C VAL A 86 -19.78 14.76 -1.96
N ALA A 87 -19.00 13.71 -2.19
CA ALA A 87 -17.90 13.34 -1.31
C ALA A 87 -16.98 14.53 -1.07
N ILE A 88 -16.61 15.22 -2.15
CA ILE A 88 -15.70 16.35 -2.02
C ILE A 88 -16.31 17.61 -1.36
N THR A 89 -17.61 17.86 -1.53
CA THR A 89 -18.21 19.02 -0.86
C THR A 89 -18.04 18.85 0.65
N LEU A 90 -18.23 17.61 1.11
CA LEU A 90 -18.07 17.22 2.51
C LEU A 90 -16.60 17.28 2.95
N SER A 91 -15.72 16.73 2.14
CA SER A 91 -14.30 16.69 2.45
C SER A 91 -13.80 18.13 2.61
N ALA A 92 -14.18 18.97 1.66
CA ALA A 92 -13.81 20.38 1.69
C ALA A 92 -14.16 21.01 3.03
N THR A 93 -15.39 20.84 3.48
CA THR A 93 -15.83 21.45 4.73
C THR A 93 -14.97 21.01 5.91
N VAL A 94 -15.01 19.71 6.20
CA VAL A 94 -14.31 19.18 7.37
C VAL A 94 -12.81 19.44 7.29
N SER A 95 -12.17 18.98 6.22
CA SER A 95 -10.72 19.07 6.09
C SER A 95 -10.14 20.46 5.80
N LEU A 96 -10.85 21.25 5.00
CA LEU A 96 -10.31 22.53 4.58
C LEU A 96 -10.87 23.75 5.29
N CYS A 97 -11.79 23.54 6.22
CA CYS A 97 -12.42 24.65 6.93
C CYS A 97 -12.57 24.41 8.43
N ALA A 98 -13.37 23.41 8.80
CA ALA A 98 -13.55 23.08 10.21
C ALA A 98 -12.20 22.76 10.87
N ASN A 99 -11.32 22.10 10.12
CA ASN A 99 -10.02 21.72 10.67
C ASN A 99 -9.10 22.88 11.01
N PRO A 100 -8.94 23.87 10.10
CA PRO A 100 -8.09 25.00 10.49
C PRO A 100 -8.63 25.91 11.61
N ILE A 101 -9.95 25.99 11.78
CA ILE A 101 -10.50 26.83 12.86
C ILE A 101 -10.20 26.10 14.16
N TRP A 102 -10.42 24.79 14.14
CA TRP A 102 -10.16 23.92 15.26
C TRP A 102 -8.67 23.92 15.61
N GLN A 103 -7.83 23.77 14.59
CA GLN A 103 -6.40 23.67 14.80
C GLN A 103 -5.71 25.00 15.08
N PHE A 104 -6.29 26.11 14.62
CA PHE A 104 -5.63 27.42 14.75
C PHE A 104 -6.49 28.51 15.41
N GLY A 105 -7.80 28.28 15.49
CA GLY A 105 -8.69 29.31 15.99
C GLY A 105 -8.71 29.45 17.51
N THR A 106 -9.05 30.66 17.97
CA THR A 106 -9.18 30.91 19.40
C THR A 106 -10.50 30.29 19.87
N GLU A 107 -10.63 30.08 21.18
CA GLU A 107 -11.85 29.50 21.73
C GLU A 107 -13.09 30.27 21.27
N ALA A 108 -12.98 31.59 21.20
CA ALA A 108 -14.07 32.44 20.72
C ALA A 108 -14.45 32.07 19.28
N GLN A 109 -13.48 32.16 18.39
CA GLN A 109 -13.68 31.81 16.98
C GLN A 109 -14.19 30.37 16.84
N LYS A 110 -13.87 29.51 17.80
CA LYS A 110 -14.34 28.14 17.78
C LYS A 110 -15.81 28.04 18.15
N GLU A 111 -16.19 28.73 19.21
CA GLU A 111 -17.58 28.72 19.66
C GLU A 111 -18.47 29.27 18.56
N LYS A 112 -18.01 30.34 17.91
CA LYS A 112 -18.78 30.98 16.86
C LYS A 112 -18.75 30.18 15.57
N PHE A 113 -17.56 29.98 15.03
CA PHE A 113 -17.43 29.37 13.71
C PHE A 113 -17.36 27.85 13.64
N LEU A 114 -16.56 27.24 14.53
CA LEU A 114 -16.37 25.80 14.47
C LEU A 114 -17.64 25.03 14.77
N VAL A 115 -18.31 25.40 15.84
CA VAL A 115 -19.51 24.69 16.29
C VAL A 115 -20.50 24.37 15.17
N PRO A 116 -20.92 25.37 14.37
CA PRO A 116 -21.84 25.05 13.26
C PRO A 116 -21.29 24.13 12.17
N LEU A 117 -19.98 24.16 11.93
CA LEU A 117 -19.36 23.29 10.92
C LEU A 117 -19.34 21.85 11.41
N VAL A 118 -19.02 21.68 12.69
CA VAL A 118 -19.05 20.37 13.35
C VAL A 118 -20.48 19.83 13.41
N GLU A 119 -21.40 20.67 13.87
CA GLU A 119 -22.81 20.29 13.99
C GLU A 119 -23.48 20.08 12.63
N GLY A 120 -22.99 20.75 11.60
CA GLY A 120 -23.56 20.62 10.28
C GLY A 120 -24.64 21.64 9.97
N THR A 121 -24.65 22.75 10.68
CA THR A 121 -25.63 23.80 10.43
C THR A 121 -25.10 24.86 9.46
N LYS A 122 -23.84 24.76 9.10
CA LYS A 122 -23.23 25.64 8.10
C LYS A 122 -22.17 24.87 7.34
N LEU A 123 -21.96 25.26 6.07
CA LEU A 123 -20.98 24.65 5.19
C LEU A 123 -19.79 25.60 5.09
N GLY A 124 -18.62 25.05 4.80
CA GLY A 124 -17.41 25.84 4.75
C GLY A 124 -16.68 25.65 3.44
N ALA A 125 -15.75 26.56 3.16
CA ALA A 125 -14.96 26.50 1.93
C ALA A 125 -13.58 27.09 2.18
N PHE A 126 -12.66 26.74 1.29
CA PHE A 126 -11.26 27.09 1.41
C PHE A 126 -10.88 27.88 0.17
N GLY A 127 -10.56 29.16 0.34
CA GLY A 127 -10.19 30.00 -0.79
C GLY A 127 -8.74 30.43 -0.77
N LEU A 128 -7.92 29.79 -1.60
CA LEU A 128 -6.49 30.07 -1.67
C LEU A 128 -6.06 30.38 -3.09
N THR A 129 -6.56 29.59 -4.04
CA THR A 129 -6.11 29.68 -5.42
C THR A 129 -6.51 30.98 -6.10
N GLU A 130 -5.61 31.48 -6.93
CA GLU A 130 -5.83 32.70 -7.71
C GLU A 130 -5.31 32.39 -9.11
N PRO A 131 -5.71 33.18 -10.10
CA PRO A 131 -5.23 32.95 -11.47
C PRO A 131 -3.71 33.03 -11.62
N ASN A 132 -3.05 33.73 -10.70
CA ASN A 132 -1.60 33.87 -10.74
C ASN A 132 -0.92 33.13 -9.60
N ALA A 133 -1.65 32.23 -8.94
CA ALA A 133 -1.11 31.47 -7.83
C ALA A 133 -1.88 30.18 -7.64
N GLY A 134 -1.44 29.13 -8.33
CA GLY A 134 -2.05 27.83 -8.19
C GLY A 134 -1.11 26.91 -7.45
N THR A 135 -0.13 26.38 -8.19
CA THR A 135 0.92 25.56 -7.59
C THR A 135 1.89 26.47 -6.83
N ASP A 136 2.07 27.68 -7.34
CA ASP A 136 2.89 28.67 -6.67
C ASP A 136 2.01 29.43 -5.67
N ALA A 137 1.75 28.81 -4.52
CA ALA A 137 0.87 29.40 -3.51
C ALA A 137 1.29 30.82 -3.13
N SER A 138 2.58 31.10 -3.24
CA SER A 138 3.12 32.41 -2.87
C SER A 138 2.70 33.57 -3.78
N GLY A 139 2.10 33.26 -4.93
CA GLY A 139 1.75 34.30 -5.87
C GLY A 139 0.51 35.11 -5.54
N GLN A 140 0.13 35.09 -4.27
CA GLN A 140 -1.05 35.78 -3.77
C GLN A 140 -1.06 37.25 -4.18
N GLN A 141 -2.23 37.73 -4.60
CA GLN A 141 -2.41 39.11 -5.01
C GLN A 141 -3.54 39.80 -4.25
N THR A 142 -4.40 39.01 -3.63
CA THR A 142 -5.44 39.56 -2.77
C THR A 142 -4.72 40.24 -1.60
N ILE A 143 -4.96 41.54 -1.41
CA ILE A 143 -4.31 42.28 -0.33
C ILE A 143 -5.26 42.44 0.85
N ALA A 144 -4.70 42.43 2.05
CA ALA A 144 -5.49 42.61 3.26
C ALA A 144 -4.95 43.81 4.01
N THR A 145 -5.41 45.00 3.61
CA THR A 145 -4.97 46.24 4.21
C THR A 145 -5.56 46.47 5.60
N LYS A 146 -4.71 46.93 6.52
CA LYS A 146 -5.14 47.21 7.89
C LYS A 146 -5.67 48.65 7.99
N ASN A 147 -6.73 48.82 8.78
CA ASN A 147 -7.37 50.12 8.95
C ASN A 147 -7.19 50.61 10.38
N ASP A 148 -7.47 51.89 10.61
CA ASP A 148 -7.37 52.48 11.94
C ASP A 148 -8.18 51.71 12.98
N ASP A 149 -9.31 51.15 12.55
CA ASP A 149 -10.19 50.41 13.45
C ASP A 149 -9.58 49.07 13.89
N GLY A 150 -8.33 48.81 13.52
CA GLY A 150 -7.75 47.50 13.77
C GLY A 150 -8.53 46.51 12.91
N THR A 151 -9.07 47.02 11.82
CA THR A 151 -9.93 46.29 10.92
C THR A 151 -9.11 46.01 9.66
N TYR A 152 -9.61 45.12 8.81
CA TYR A 152 -8.93 44.78 7.56
C TYR A 152 -9.86 44.97 6.38
N THR A 153 -9.28 45.32 5.24
CA THR A 153 -10.03 45.49 4.02
C THR A 153 -9.43 44.58 2.95
N LEU A 154 -10.18 43.56 2.57
CA LEU A 154 -9.73 42.59 1.57
C LEU A 154 -10.12 43.00 0.16
N ASN A 155 -9.15 42.97 -0.74
CA ASN A 155 -9.38 43.28 -2.13
C ASN A 155 -8.69 42.25 -3.01
N GLY A 156 -9.44 41.61 -3.87
CA GLY A 156 -8.89 40.59 -4.74
C GLY A 156 -9.97 39.61 -5.14
N SER A 157 -9.56 38.43 -5.58
CA SER A 157 -10.49 37.39 -5.95
C SER A 157 -9.82 36.03 -5.78
N LYS A 158 -10.61 34.98 -5.88
CA LYS A 158 -10.14 33.61 -5.74
C LYS A 158 -10.78 32.79 -6.85
N ILE A 159 -10.02 31.89 -7.45
CA ILE A 159 -10.51 31.12 -8.58
C ILE A 159 -10.64 29.63 -8.19
N PHE A 160 -11.57 28.93 -8.84
CA PHE A 160 -11.84 27.51 -8.59
C PHE A 160 -12.20 27.17 -7.14
N ILE A 161 -13.16 27.85 -6.51
CA ILE A 161 -13.46 27.48 -5.12
C ILE A 161 -14.58 26.43 -5.00
N THR A 162 -14.21 25.23 -4.57
CA THR A 162 -15.18 24.17 -4.32
C THR A 162 -16.11 24.67 -3.20
N ASN A 163 -17.40 24.43 -3.37
CA ASN A 163 -18.43 24.93 -2.45
C ASN A 163 -18.61 26.45 -2.55
N GLY A 164 -17.90 27.08 -3.50
CA GLY A 164 -18.02 28.50 -3.69
C GLY A 164 -19.43 28.87 -4.14
N GLY A 165 -20.01 29.90 -3.54
CA GLY A 165 -21.36 30.28 -3.86
C GLY A 165 -22.40 29.51 -3.06
N ALA A 166 -21.97 28.44 -2.39
CA ALA A 166 -22.86 27.61 -1.59
C ALA A 166 -22.41 27.48 -0.14
N ALA A 167 -21.26 28.07 0.19
CA ALA A 167 -20.71 27.97 1.53
C ALA A 167 -21.09 29.18 2.38
N ASP A 168 -21.15 28.98 3.69
CA ASP A 168 -21.47 30.04 4.64
C ASP A 168 -20.20 30.71 5.13
N ILE A 169 -19.26 29.88 5.56
CA ILE A 169 -18.01 30.36 6.13
C ILE A 169 -16.88 30.02 5.17
N TYR A 170 -16.02 30.99 4.91
CA TYR A 170 -14.89 30.83 4.00
C TYR A 170 -13.60 31.07 4.76
N ILE A 171 -12.53 30.41 4.33
CA ILE A 171 -11.20 30.71 4.85
C ILE A 171 -10.50 31.30 3.65
N VAL A 172 -10.15 32.58 3.72
CA VAL A 172 -9.44 33.21 2.61
C VAL A 172 -8.07 33.66 3.06
N PHE A 173 -7.11 33.51 2.15
CA PHE A 173 -5.75 33.94 2.41
C PHE A 173 -5.49 35.17 1.55
N ALA A 174 -4.80 36.15 2.13
CA ALA A 174 -4.50 37.36 1.40
C ALA A 174 -3.17 37.88 1.88
N MET A 175 -2.47 38.56 0.98
CA MET A 175 -1.17 39.15 1.30
C MET A 175 -1.32 40.38 2.19
N THR A 176 -0.92 40.24 3.45
CA THR A 176 -0.91 41.37 4.36
C THR A 176 0.35 42.19 4.05
N ASP A 177 1.42 41.51 3.78
CA ASP A 177 2.68 42.16 3.38
C ASP A 177 3.28 41.44 2.16
N LYS A 178 3.42 42.19 1.09
CA LYS A 178 4.02 41.63 -0.14
C LYS A 178 5.44 42.20 -0.29
N SER A 179 6.31 41.52 0.41
CA SER A 179 7.76 41.79 0.46
C SER A 179 8.38 40.44 0.73
N LYS A 180 7.78 39.95 1.81
CA LYS A 180 7.87 38.56 2.32
C LYS A 180 6.60 37.82 1.92
N GLY A 181 6.61 37.39 0.68
CA GLY A 181 5.48 36.67 0.09
C GLY A 181 5.07 35.49 0.96
N ASN A 182 5.81 34.44 0.75
CA ASN A 182 5.65 33.15 1.43
C ASN A 182 5.72 33.33 2.96
N HIS A 183 6.16 34.47 3.52
CA HIS A 183 6.14 34.80 4.96
C HIS A 183 5.25 36.01 5.28
N GLY A 184 4.25 36.28 4.44
CA GLY A 184 3.44 37.47 4.65
C GLY A 184 1.98 37.28 4.28
N ILE A 185 1.60 36.03 4.06
CA ILE A 185 0.22 35.67 3.75
C ILE A 185 -0.54 35.50 5.05
N THR A 186 -1.78 35.96 5.08
CA THR A 186 -2.62 35.86 6.27
C THR A 186 -3.95 35.21 5.93
N ALA A 187 -4.48 34.43 6.87
CA ALA A 187 -5.73 33.74 6.70
C ALA A 187 -6.79 34.52 7.45
N PHE A 188 -8.00 34.57 6.89
CA PHE A 188 -9.11 35.28 7.50
C PHE A 188 -10.36 34.44 7.36
N ILE A 189 -11.20 34.47 8.38
CA ILE A 189 -12.49 33.81 8.32
C ILE A 189 -13.44 34.83 7.68
N LEU A 190 -13.93 34.53 6.49
CA LEU A 190 -14.78 35.44 5.76
C LEU A 190 -16.16 34.82 5.58
N GLU A 191 -17.19 35.54 6.01
CA GLU A 191 -18.56 35.04 5.94
C GLU A 191 -19.32 35.48 4.69
N ASP A 192 -20.10 34.55 4.14
CA ASP A 192 -20.92 34.82 2.98
C ASP A 192 -21.94 35.90 3.31
N GLY A 193 -22.03 36.91 2.46
CA GLY A 193 -23.02 37.96 2.66
C GLY A 193 -22.41 39.24 3.20
N THR A 194 -21.14 39.18 3.56
CA THR A 194 -20.41 40.36 3.99
C THR A 194 -20.38 41.33 2.81
N PRO A 195 -20.86 42.57 3.01
CA PRO A 195 -20.84 43.56 1.93
C PRO A 195 -19.49 43.64 1.26
N GLY A 196 -19.51 43.54 -0.07
CA GLY A 196 -18.29 43.56 -0.85
C GLY A 196 -17.89 42.17 -1.31
N PHE A 197 -18.38 41.15 -0.61
CA PHE A 197 -18.08 39.77 -0.94
C PHE A 197 -19.11 39.26 -1.95
N THR A 198 -18.66 39.09 -3.18
CA THR A 198 -19.50 38.65 -4.28
C THR A 198 -18.95 37.32 -4.83
N TYR A 199 -19.66 36.71 -5.76
CA TYR A 199 -19.21 35.48 -6.42
C TYR A 199 -19.22 35.72 -7.92
N GLY A 200 -18.41 34.97 -8.66
CA GLY A 200 -18.29 35.19 -10.09
C GLY A 200 -18.53 33.93 -10.90
N LYS A 201 -17.63 33.70 -11.87
CA LYS A 201 -17.74 32.56 -12.77
C LYS A 201 -17.96 31.23 -12.06
N LYS A 202 -18.91 30.47 -12.56
CA LYS A 202 -19.17 29.13 -12.06
C LYS A 202 -18.55 28.23 -13.11
N GLU A 203 -17.56 27.45 -12.69
CA GLU A 203 -16.80 26.63 -13.62
C GLU A 203 -17.57 25.47 -14.26
N ASP A 204 -17.43 25.34 -15.58
CA ASP A 204 -18.03 24.25 -16.32
C ASP A 204 -16.95 23.18 -16.41
N LYS A 205 -17.09 22.13 -15.60
CA LYS A 205 -16.05 21.12 -15.56
C LYS A 205 -16.37 19.76 -16.13
N MET A 206 -15.31 19.09 -16.59
CA MET A 206 -15.36 17.79 -17.25
C MET A 206 -16.09 16.72 -16.44
N GLY A 207 -15.88 16.75 -15.12
CA GLY A 207 -16.48 15.73 -14.28
C GLY A 207 -16.79 16.36 -12.95
N ILE A 208 -17.10 15.53 -11.95
CA ILE A 208 -17.45 16.02 -10.63
C ILE A 208 -18.56 17.11 -10.73
N HIS A 209 -19.49 16.87 -11.65
CA HIS A 209 -20.60 17.79 -11.98
C HIS A 209 -21.52 18.18 -10.83
N THR A 210 -21.59 17.34 -9.80
CA THR A 210 -22.45 17.57 -8.64
C THR A 210 -21.81 18.50 -7.61
N SER A 211 -20.59 18.95 -7.90
CA SER A 211 -19.89 19.83 -7.00
C SER A 211 -19.96 21.23 -7.61
N GLN A 212 -20.20 22.25 -6.78
CA GLN A 212 -20.22 23.61 -7.29
C GLN A 212 -18.87 24.28 -7.10
N THR A 213 -18.30 24.76 -8.19
CA THR A 213 -17.01 25.44 -8.19
C THR A 213 -17.24 26.86 -8.71
N MET A 214 -16.84 27.85 -7.91
CA MET A 214 -17.18 29.24 -8.20
C MET A 214 -16.03 30.19 -7.88
N GLU A 215 -16.03 31.35 -8.54
CA GLU A 215 -15.05 32.38 -8.27
C GLU A 215 -15.56 33.26 -7.13
N LEU A 216 -14.66 33.69 -6.24
CA LEU A 216 -15.02 34.61 -5.16
C LEU A 216 -14.44 35.97 -5.51
N VAL A 217 -15.19 37.02 -5.20
CA VAL A 217 -14.75 38.38 -5.51
C VAL A 217 -14.79 39.20 -4.23
N PHE A 218 -13.70 39.94 -3.98
CA PHE A 218 -13.57 40.75 -2.77
C PHE A 218 -13.37 42.21 -3.17
N GLN A 219 -14.41 43.00 -3.04
CA GLN A 219 -14.33 44.41 -3.37
C GLN A 219 -14.55 45.26 -2.14
N ASP A 220 -13.46 45.65 -1.49
CA ASP A 220 -13.51 46.50 -0.30
C ASP A 220 -14.20 45.79 0.88
N VAL A 221 -13.89 44.50 1.04
CA VAL A 221 -14.50 43.69 2.09
C VAL A 221 -13.87 43.96 3.45
N LYS A 222 -14.60 44.67 4.31
CA LYS A 222 -14.14 44.93 5.67
C LYS A 222 -14.35 43.73 6.59
N VAL A 223 -13.29 43.36 7.28
CA VAL A 223 -13.29 42.22 8.20
C VAL A 223 -12.80 42.64 9.58
N PRO A 224 -13.49 42.22 10.64
CA PRO A 224 -13.06 42.57 12.01
C PRO A 224 -11.81 41.83 12.47
N ALA A 225 -11.01 42.50 13.29
CA ALA A 225 -9.75 41.94 13.79
C ALA A 225 -9.82 40.51 14.32
N GLU A 226 -10.94 40.14 14.95
CA GLU A 226 -11.08 38.78 15.47
C GLU A 226 -11.53 37.75 14.45
N ASN A 227 -11.39 38.08 13.17
CA ASN A 227 -11.66 37.12 12.10
C ASN A 227 -10.33 36.63 11.52
N MET A 228 -9.23 37.25 11.93
CA MET A 228 -7.91 36.80 11.52
C MET A 228 -7.64 35.42 12.10
N LEU A 229 -7.23 34.48 11.26
CA LEU A 229 -6.93 33.14 11.70
C LEU A 229 -5.42 33.01 11.80
N GLY A 230 -4.95 32.59 12.97
CA GLY A 230 -3.54 32.45 13.23
C GLY A 230 -2.97 33.77 13.69
N GLU A 231 -2.20 34.41 12.82
CA GLU A 231 -1.68 35.75 13.05
C GLU A 231 -0.93 36.23 11.82
N GLU A 232 -0.77 37.54 11.71
CA GLU A 232 -0.16 38.15 10.53
C GLU A 232 1.07 37.39 10.07
N GLY A 233 1.01 36.89 8.84
CA GLY A 233 2.20 36.27 8.26
C GLY A 233 2.31 34.76 8.30
N LYS A 234 1.56 34.09 9.16
CA LYS A 234 1.64 32.64 9.19
C LYS A 234 0.50 31.95 8.44
N GLY A 235 -0.06 32.65 7.46
CA GLY A 235 -1.11 32.10 6.63
C GLY A 235 -0.68 30.99 5.68
N PHE A 236 0.58 31.03 5.23
CA PHE A 236 1.12 29.98 4.36
C PHE A 236 1.28 28.68 5.18
N LYS A 237 1.77 28.81 6.41
CA LYS A 237 1.94 27.66 7.29
C LYS A 237 0.60 27.01 7.51
N ILE A 238 -0.39 27.83 7.85
CA ILE A 238 -1.76 27.36 8.03
C ILE A 238 -2.28 26.62 6.80
N ALA A 239 -2.24 27.27 5.64
CA ALA A 239 -2.67 26.64 4.39
C ALA A 239 -1.98 25.30 4.12
N MET A 240 -0.67 25.25 4.31
CA MET A 240 0.12 24.05 4.07
C MET A 240 -0.33 22.90 4.95
N MET A 241 -0.40 23.17 6.24
CA MET A 241 -0.81 22.16 7.20
C MET A 241 -2.25 21.73 6.97
N THR A 242 -3.06 22.65 6.45
CA THR A 242 -4.46 22.35 6.15
C THR A 242 -4.52 21.42 4.95
N LEU A 243 -3.66 21.68 3.96
CA LEU A 243 -3.62 20.86 2.76
C LEU A 243 -3.13 19.42 2.95
N ASP A 244 -2.26 19.18 3.93
CA ASP A 244 -1.81 17.81 4.21
C ASP A 244 -3.01 16.95 4.59
N GLY A 245 -3.87 17.47 5.47
CA GLY A 245 -5.06 16.75 5.87
C GLY A 245 -6.06 16.63 4.74
N GLY A 246 -6.25 17.72 4.02
CA GLY A 246 -7.18 17.73 2.90
C GLY A 246 -6.83 16.67 1.87
N ARG A 247 -5.52 16.46 1.68
CA ARG A 247 -5.02 15.48 0.74
C ARG A 247 -5.37 14.03 1.09
N ILE A 248 -5.43 13.73 2.39
CA ILE A 248 -5.82 12.38 2.80
C ILE A 248 -7.27 12.15 2.37
N GLY A 249 -8.07 13.20 2.42
CA GLY A 249 -9.46 13.12 1.98
C GLY A 249 -9.56 12.90 0.48
N VAL A 250 -8.79 13.65 -0.30
CA VAL A 250 -8.79 13.48 -1.75
C VAL A 250 -8.33 12.08 -2.14
N ALA A 251 -7.34 11.56 -1.43
CA ALA A 251 -6.85 10.19 -1.66
C ALA A 251 -7.98 9.21 -1.41
N ALA A 252 -8.80 9.50 -0.41
CA ALA A 252 -9.94 8.66 -0.06
C ALA A 252 -11.01 8.71 -1.17
N GLN A 253 -11.33 9.92 -1.64
CA GLN A 253 -12.32 10.08 -2.70
C GLN A 253 -11.84 9.28 -3.89
N ALA A 254 -10.59 9.50 -4.27
CA ALA A 254 -9.96 8.79 -5.38
C ALA A 254 -10.08 7.28 -5.19
N LEU A 255 -9.87 6.80 -3.96
CA LEU A 255 -10.00 5.38 -3.67
C LEU A 255 -11.41 4.95 -4.01
N GLY A 256 -12.40 5.69 -3.50
CA GLY A 256 -13.81 5.36 -3.70
C GLY A 256 -14.23 5.26 -5.14
N ILE A 257 -13.78 6.18 -5.96
CA ILE A 257 -14.06 6.16 -7.38
C ILE A 257 -13.52 4.86 -7.99
N ALA A 258 -12.29 4.50 -7.64
CA ALA A 258 -11.65 3.28 -8.13
C ALA A 258 -12.46 2.04 -7.73
N GLU A 259 -12.93 2.01 -6.49
CA GLU A 259 -13.73 0.89 -6.01
C GLU A 259 -15.05 0.74 -6.77
N ALA A 260 -15.75 1.85 -6.99
CA ALA A 260 -16.98 1.85 -7.78
C ALA A 260 -16.70 1.28 -9.19
N ALA A 261 -15.66 1.75 -9.83
CA ALA A 261 -15.32 1.27 -11.18
C ALA A 261 -15.00 -0.24 -11.21
N LEU A 262 -14.29 -0.73 -10.19
CA LEU A 262 -13.96 -2.16 -10.10
C LEU A 262 -15.25 -2.97 -9.95
N ALA A 263 -16.10 -2.56 -9.01
CA ALA A 263 -17.36 -3.27 -8.74
C ALA A 263 -18.27 -3.34 -9.95
N ASP A 264 -18.35 -2.25 -10.70
CA ASP A 264 -19.13 -2.21 -11.93
C ASP A 264 -18.56 -3.21 -12.93
N ALA A 265 -17.24 -3.23 -13.05
CA ALA A 265 -16.56 -4.13 -13.96
C ALA A 265 -16.74 -5.60 -13.58
N VAL A 266 -16.63 -5.91 -12.29
CA VAL A 266 -16.82 -7.29 -11.84
C VAL A 266 -18.24 -7.76 -12.13
N GLU A 267 -19.21 -6.99 -11.65
CA GLU A 267 -20.62 -7.31 -11.82
C GLU A 267 -20.96 -7.51 -13.28
N TYR A 268 -20.48 -6.62 -14.14
CA TYR A 268 -20.71 -6.73 -15.58
C TYR A 268 -20.03 -7.95 -16.21
N SER A 269 -18.78 -8.22 -15.83
CA SER A 269 -18.05 -9.35 -16.42
C SER A 269 -18.70 -10.69 -16.10
N LYS A 270 -19.48 -10.72 -15.02
CA LYS A 270 -20.22 -11.92 -14.65
C LYS A 270 -21.42 -12.16 -15.55
N GLN A 271 -22.04 -11.08 -16.02
CA GLN A 271 -23.28 -11.15 -16.75
C GLN A 271 -23.12 -11.19 -18.27
N ARG A 272 -22.40 -10.21 -18.81
CA ARG A 272 -22.25 -10.09 -20.25
C ARG A 272 -21.57 -11.36 -20.79
N VAL A 273 -22.10 -11.90 -21.89
CA VAL A 273 -21.47 -13.04 -22.53
C VAL A 273 -21.20 -12.79 -24.01
N GLN A 274 -20.09 -13.36 -24.48
CA GLN A 274 -19.72 -13.33 -25.89
C GLN A 274 -19.00 -14.64 -26.11
N PHE A 275 -19.00 -15.12 -27.35
CA PHE A 275 -18.38 -16.39 -27.67
C PHE A 275 -18.88 -17.50 -26.75
N GLY A 276 -20.12 -17.34 -26.29
CA GLY A 276 -20.75 -18.35 -25.45
C GLY A 276 -20.25 -18.44 -24.03
N LYS A 277 -19.46 -17.46 -23.58
CA LYS A 277 -18.88 -17.52 -22.24
C LYS A 277 -18.98 -16.15 -21.57
N PRO A 278 -19.30 -16.12 -20.26
CA PRO A 278 -19.36 -14.84 -19.56
C PRO A 278 -17.98 -14.21 -19.52
N LEU A 279 -17.95 -12.90 -19.73
CA LEU A 279 -16.71 -12.14 -19.84
C LEU A 279 -15.63 -12.51 -18.81
N CYS A 280 -16.06 -12.86 -17.59
CA CYS A 280 -15.12 -13.15 -16.50
C CYS A 280 -14.35 -14.46 -16.69
N LYS A 281 -14.70 -15.23 -17.70
CA LYS A 281 -14.05 -16.50 -17.97
C LYS A 281 -12.98 -16.40 -19.04
N PHE A 282 -12.81 -15.22 -19.61
CA PHE A 282 -11.71 -14.97 -20.52
C PHE A 282 -10.57 -14.43 -19.68
N GLN A 283 -9.41 -15.07 -19.78
CA GLN A 283 -8.30 -14.82 -18.88
C GLN A 283 -7.81 -13.37 -18.82
N SER A 284 -7.81 -12.67 -19.95
CA SER A 284 -7.38 -11.26 -19.96
C SER A 284 -8.29 -10.40 -19.09
N ILE A 285 -9.58 -10.76 -19.06
CA ILE A 285 -10.57 -10.05 -18.25
C ILE A 285 -10.30 -10.25 -16.77
N SER A 286 -10.25 -11.50 -16.33
CA SER A 286 -10.02 -11.81 -14.92
C SER A 286 -8.69 -11.28 -14.42
N PHE A 287 -7.69 -11.28 -15.29
CA PHE A 287 -6.39 -10.73 -14.93
C PHE A 287 -6.50 -9.22 -14.75
N LYS A 288 -7.18 -8.55 -15.68
CA LYS A 288 -7.42 -7.10 -15.60
C LYS A 288 -8.06 -6.76 -14.25
N LEU A 289 -9.12 -7.48 -13.92
CA LEU A 289 -9.86 -7.28 -12.68
C LEU A 289 -8.95 -7.50 -11.48
N ALA A 290 -8.12 -8.53 -11.56
CA ALA A 290 -7.18 -8.84 -10.49
C ALA A 290 -6.19 -7.71 -10.27
N ASP A 291 -5.61 -7.20 -11.35
CA ASP A 291 -4.65 -6.11 -11.24
C ASP A 291 -5.31 -4.88 -10.62
N MET A 292 -6.51 -4.55 -11.09
CA MET A 292 -7.27 -3.43 -10.55
C MET A 292 -7.42 -3.58 -9.03
N LYS A 293 -7.89 -4.75 -8.60
CA LYS A 293 -8.04 -5.04 -7.18
C LYS A 293 -6.74 -4.84 -6.42
N MET A 294 -5.63 -5.31 -6.98
CA MET A 294 -4.33 -5.16 -6.33
C MET A 294 -3.95 -3.71 -6.15
N GLN A 295 -4.12 -2.93 -7.21
CA GLN A 295 -3.83 -1.52 -7.15
C GLN A 295 -4.66 -0.82 -6.07
N ILE A 296 -5.97 -1.03 -6.06
CA ILE A 296 -6.80 -0.33 -5.07
C ILE A 296 -6.38 -0.71 -3.64
N GLU A 297 -5.95 -1.95 -3.46
CA GLU A 297 -5.43 -2.40 -2.15
C GLU A 297 -4.14 -1.67 -1.78
N ALA A 298 -3.30 -1.42 -2.78
CA ALA A 298 -2.07 -0.67 -2.56
C ALA A 298 -2.39 0.72 -2.07
N ALA A 299 -3.31 1.38 -2.76
CA ALA A 299 -3.73 2.72 -2.39
C ALA A 299 -4.44 2.76 -1.03
N ARG A 300 -5.30 1.78 -0.78
CA ARG A 300 -6.10 1.75 0.44
C ARG A 300 -5.30 1.92 1.71
N ASN A 301 -4.26 1.10 1.87
CA ASN A 301 -3.48 1.09 3.10
C ASN A 301 -2.61 2.31 3.28
N LEU A 302 -2.33 3.01 2.19
CA LEU A 302 -1.61 4.28 2.21
C LEU A 302 -2.56 5.39 2.70
N VAL A 303 -3.79 5.34 2.21
CA VAL A 303 -4.82 6.29 2.60
C VAL A 303 -5.06 6.19 4.11
N TYR A 304 -5.33 4.97 4.57
CA TYR A 304 -5.59 4.73 5.99
C TYR A 304 -4.40 5.05 6.89
N LYS A 305 -3.19 4.71 6.45
CA LYS A 305 -1.99 4.98 7.25
C LYS A 305 -1.85 6.48 7.53
N ALA A 306 -2.09 7.29 6.50
CA ALA A 306 -2.01 8.75 6.61
C ALA A 306 -3.06 9.30 7.60
N ALA A 307 -4.25 8.71 7.56
CA ALA A 307 -5.36 9.12 8.44
C ALA A 307 -5.06 8.84 9.91
N CYS A 308 -4.42 7.70 10.17
CA CYS A 308 -4.06 7.29 11.52
C CYS A 308 -2.94 8.12 12.11
N LYS A 309 -1.95 8.47 11.30
CA LYS A 309 -0.84 9.28 11.80
C LYS A 309 -1.34 10.65 12.21
N LYS A 310 -2.27 11.19 11.43
CA LYS A 310 -2.87 12.49 11.74
C LYS A 310 -3.65 12.41 13.05
N GLN A 311 -4.44 11.36 13.21
CA GLN A 311 -5.20 11.20 14.44
C GLN A 311 -4.30 10.87 15.62
N GLU A 312 -3.12 10.28 15.36
CA GLU A 312 -2.17 9.94 16.42
C GLU A 312 -1.26 11.11 16.77
N GLY A 313 -1.25 12.13 15.92
CA GLY A 313 -0.41 13.28 16.18
C GLY A 313 1.00 13.15 15.64
N LYS A 314 1.27 12.10 14.87
CA LYS A 314 2.58 11.95 14.25
C LYS A 314 2.62 12.91 13.06
N PRO A 315 3.81 13.23 12.54
CA PRO A 315 3.93 14.05 11.32
C PRO A 315 3.41 13.22 10.14
N PHE A 316 2.61 13.83 9.26
CA PHE A 316 2.00 13.06 8.17
C PHE A 316 2.01 13.74 6.80
N THR A 317 2.66 14.88 6.69
CA THR A 317 2.78 15.60 5.43
C THR A 317 3.11 14.68 4.23
N VAL A 318 4.15 13.87 4.39
CA VAL A 318 4.59 12.98 3.31
C VAL A 318 3.64 11.81 3.11
N ASP A 319 3.05 11.30 4.18
CA ASP A 319 2.14 10.18 4.06
C ASP A 319 0.91 10.65 3.30
N ALA A 320 0.52 11.89 3.57
CA ALA A 320 -0.58 12.51 2.84
C ALA A 320 -0.21 12.60 1.37
N ALA A 321 1.01 13.05 1.10
CA ALA A 321 1.50 13.25 -0.26
C ALA A 321 1.59 11.95 -1.06
N ILE A 322 2.03 10.87 -0.42
CA ILE A 322 2.13 9.58 -1.09
C ILE A 322 0.73 9.05 -1.35
N ALA A 323 -0.13 9.12 -0.34
CA ALA A 323 -1.50 8.64 -0.44
C ALA A 323 -2.25 9.30 -1.60
N LYS A 324 -2.25 10.63 -1.61
CA LYS A 324 -2.97 11.38 -2.63
C LYS A 324 -2.52 11.05 -4.04
N ARG A 325 -1.22 10.95 -4.26
CA ARG A 325 -0.73 10.66 -5.61
C ARG A 325 -0.95 9.21 -6.03
N VAL A 326 -0.78 8.27 -5.11
CA VAL A 326 -1.01 6.88 -5.48
C VAL A 326 -2.49 6.63 -5.73
N ALA A 327 -3.34 6.99 -4.77
CA ALA A 327 -4.78 6.78 -4.89
C ALA A 327 -5.39 7.36 -6.17
N SER A 328 -5.03 8.61 -6.50
CA SER A 328 -5.52 9.24 -7.71
C SER A 328 -4.95 8.59 -8.97
N ASP A 329 -3.66 8.26 -8.94
CA ASP A 329 -3.05 7.59 -10.09
C ASP A 329 -3.66 6.22 -10.31
N VAL A 330 -3.98 5.53 -9.22
CA VAL A 330 -4.66 4.25 -9.31
C VAL A 330 -6.05 4.47 -9.87
N ALA A 331 -6.74 5.49 -9.36
CA ALA A 331 -8.10 5.80 -9.79
C ALA A 331 -8.14 5.99 -11.29
N MET A 332 -7.25 6.84 -11.80
CA MET A 332 -7.20 7.11 -13.22
C MET A 332 -7.00 5.85 -14.05
N ARG A 333 -6.17 4.93 -13.56
CA ARG A 333 -5.90 3.67 -14.27
C ARG A 333 -7.09 2.71 -14.27
N VAL A 334 -7.55 2.35 -13.08
CA VAL A 334 -8.66 1.43 -12.89
C VAL A 334 -9.88 1.93 -13.65
N THR A 335 -10.09 3.22 -13.54
CA THR A 335 -11.16 3.92 -14.19
C THR A 335 -11.15 3.75 -15.71
N THR A 336 -10.02 4.07 -16.34
CA THR A 336 -9.85 3.93 -17.80
C THR A 336 -10.00 2.49 -18.25
N GLU A 337 -9.75 1.56 -17.34
CA GLU A 337 -9.83 0.13 -17.63
C GLU A 337 -11.27 -0.40 -17.53
N ALA A 338 -12.00 0.04 -16.51
CA ALA A 338 -13.40 -0.38 -16.34
C ALA A 338 -14.26 0.02 -17.55
N VAL A 339 -13.97 1.20 -18.10
CA VAL A 339 -14.65 1.65 -19.32
C VAL A 339 -14.39 0.66 -20.46
N GLN A 340 -13.16 0.13 -20.51
CA GLN A 340 -12.80 -0.83 -21.56
C GLN A 340 -13.56 -2.13 -21.44
N ILE A 341 -13.70 -2.64 -20.23
CA ILE A 341 -14.38 -3.90 -20.00
C ILE A 341 -15.87 -3.80 -20.38
N PHE A 342 -16.46 -2.61 -20.25
CA PHE A 342 -17.85 -2.40 -20.62
C PHE A 342 -18.04 -2.28 -22.13
N GLY A 343 -16.94 -2.09 -22.86
CA GLY A 343 -17.02 -1.98 -24.31
C GLY A 343 -17.79 -0.74 -24.75
N GLY A 344 -18.59 -0.91 -25.81
CA GLY A 344 -19.38 0.20 -26.32
C GLY A 344 -20.31 0.83 -25.29
N TYR A 345 -20.73 0.04 -24.30
CA TYR A 345 -21.65 0.52 -23.28
C TYR A 345 -20.96 1.41 -22.24
N GLY A 346 -19.66 1.21 -22.06
CA GLY A 346 -18.90 2.01 -21.12
C GLY A 346 -18.75 3.43 -21.58
N TYR A 347 -18.93 3.65 -22.87
CA TYR A 347 -18.81 4.96 -23.47
C TYR A 347 -20.15 5.73 -23.45
N SER A 348 -21.17 5.09 -22.90
CA SER A 348 -22.50 5.67 -22.87
C SER A 348 -22.70 6.25 -21.49
N GLU A 349 -23.25 7.47 -21.43
CA GLU A 349 -23.50 8.10 -20.14
C GLU A 349 -24.72 7.52 -19.43
N GLU A 350 -25.31 6.47 -19.98
CA GLU A 350 -26.37 5.73 -19.31
C GLU A 350 -25.72 4.94 -18.19
N TYR A 351 -24.59 4.31 -18.54
CA TYR A 351 -23.86 3.50 -17.61
C TYR A 351 -22.98 4.39 -16.76
N PRO A 352 -22.55 3.91 -15.59
CA PRO A 352 -21.84 4.74 -14.62
C PRO A 352 -20.34 4.87 -14.86
N VAL A 353 -19.81 3.96 -15.67
CA VAL A 353 -18.37 3.82 -15.84
C VAL A 353 -17.63 4.99 -16.48
N ALA A 354 -18.27 5.73 -17.37
CA ALA A 354 -17.68 6.91 -17.98
C ALA A 354 -17.57 8.05 -16.97
N ARG A 355 -18.58 8.20 -16.12
CA ARG A 355 -18.56 9.22 -15.07
C ARG A 355 -17.37 9.02 -14.15
N HIS A 356 -17.13 7.77 -13.79
CA HIS A 356 -16.01 7.44 -12.91
C HIS A 356 -14.68 7.85 -13.54
N MET A 357 -14.58 7.74 -14.86
CA MET A 357 -13.37 8.15 -15.55
C MET A 357 -13.24 9.65 -15.57
N ARG A 358 -14.36 10.34 -15.82
CA ARG A 358 -14.36 11.79 -15.83
C ARG A 358 -13.99 12.30 -14.45
N ASP A 359 -14.59 11.70 -13.42
CA ASP A 359 -14.31 12.08 -12.03
C ASP A 359 -12.86 11.82 -11.60
N ALA A 360 -12.32 10.68 -12.00
CA ALA A 360 -10.97 10.29 -11.61
C ALA A 360 -9.86 11.30 -11.94
N LYS A 361 -9.99 12.01 -13.07
CA LYS A 361 -8.94 12.94 -13.51
C LYS A 361 -8.71 14.11 -12.58
N ILE A 362 -9.75 14.54 -11.87
CA ILE A 362 -9.59 15.70 -11.01
C ILE A 362 -8.79 15.38 -9.76
N THR A 363 -8.84 14.13 -9.32
CA THR A 363 -8.11 13.73 -8.11
C THR A 363 -6.59 13.88 -8.29
N GLN A 364 -6.15 13.96 -9.53
CA GLN A 364 -4.73 14.14 -9.82
C GLN A 364 -4.31 15.61 -9.76
N ILE A 365 -5.27 16.51 -9.90
CA ILE A 365 -4.98 17.93 -10.00
C ILE A 365 -5.27 18.78 -8.76
N TYR A 366 -6.46 18.66 -8.17
CA TYR A 366 -6.77 19.54 -7.05
C TYR A 366 -6.21 19.15 -5.70
N GLU A 367 -6.08 20.15 -4.83
CA GLU A 367 -5.46 20.02 -3.50
C GLU A 367 -3.97 19.70 -3.63
N GLY A 368 -3.39 20.12 -4.75
CA GLY A 368 -1.98 19.89 -5.01
C GLY A 368 -1.83 18.83 -6.07
N THR A 369 -1.44 19.24 -7.27
CA THR A 369 -1.24 18.32 -8.38
C THR A 369 -0.29 17.23 -7.92
N ASN A 370 -0.43 16.02 -8.49
CA ASN A 370 0.46 14.92 -8.18
C ASN A 370 1.93 15.31 -8.25
N GLU A 371 2.27 16.23 -9.14
CA GLU A 371 3.65 16.72 -9.27
C GLU A 371 4.12 17.45 -8.00
N VAL A 372 3.19 18.11 -7.32
CA VAL A 372 3.52 18.74 -6.05
C VAL A 372 3.79 17.67 -5.01
N GLN A 373 3.00 16.59 -5.03
CA GLN A 373 3.17 15.51 -4.07
C GLN A 373 4.57 14.90 -4.24
N LEU A 374 5.01 14.82 -5.49
CA LEU A 374 6.35 14.35 -5.83
C LEU A 374 7.40 15.34 -5.31
N MET A 375 7.12 16.63 -5.43
CA MET A 375 8.01 17.66 -4.91
C MET A 375 8.15 17.54 -3.40
N VAL A 376 7.01 17.35 -2.73
CA VAL A 376 6.96 17.26 -1.27
C VAL A 376 7.76 16.04 -0.79
N THR A 377 7.43 14.88 -1.33
CA THR A 377 8.07 13.62 -0.96
C THR A 377 9.59 13.56 -1.24
N GLY A 378 9.97 13.95 -2.46
CA GLY A 378 11.38 13.95 -2.84
C GLY A 378 12.22 14.92 -2.03
N GLY A 379 11.64 16.05 -1.66
CA GLY A 379 12.34 17.01 -0.82
C GLY A 379 12.61 16.43 0.55
N ALA A 380 11.62 15.75 1.10
CA ALA A 380 11.76 15.12 2.41
C ALA A 380 12.78 14.00 2.33
N LEU A 381 12.87 13.39 1.16
CA LEU A 381 13.76 12.27 0.89
C LEU A 381 15.23 12.73 0.82
N LEU A 382 15.45 13.95 0.33
CA LEU A 382 16.79 14.49 0.13
C LEU A 382 17.29 15.30 1.32
N ARG A 383 16.54 15.28 2.41
CA ARG A 383 16.88 16.05 3.61
C ARG A 383 18.04 15.39 4.34
N MET B 1 -7.12 0.12 13.82
CA MET B 1 -6.02 0.34 12.84
C MET B 1 -4.82 0.94 13.54
N ASP B 2 -3.64 0.44 13.22
CA ASP B 2 -2.41 0.88 13.86
C ASP B 2 -1.27 0.48 12.93
N PHE B 3 -0.30 1.36 12.77
CA PHE B 3 0.83 1.10 11.89
C PHE B 3 2.16 1.25 12.62
N ASN B 4 2.09 1.19 13.95
CA ASN B 4 3.27 1.30 14.79
C ASN B 4 3.78 -0.11 15.10
N LEU B 5 5.11 -0.28 15.05
CA LEU B 5 5.74 -1.56 15.35
C LEU B 5 5.85 -1.72 16.85
N THR B 6 5.77 -2.96 17.33
CA THR B 6 5.97 -3.26 18.74
C THR B 6 7.47 -3.19 18.99
N ASP B 7 7.88 -3.07 20.26
CA ASP B 7 9.32 -3.03 20.55
C ASP B 7 9.97 -4.34 20.14
N ILE B 8 9.26 -5.45 20.36
CA ILE B 8 9.75 -6.78 20.02
C ILE B 8 10.07 -6.89 18.53
N GLN B 9 9.19 -6.33 17.70
CA GLN B 9 9.37 -6.33 16.26
C GLN B 9 10.63 -5.53 15.93
N GLN B 10 10.79 -4.43 16.66
CA GLN B 10 11.96 -3.57 16.48
C GLN B 10 13.25 -4.27 16.91
N ASP B 11 13.15 -5.16 17.90
CA ASP B 11 14.29 -5.95 18.31
C ASP B 11 14.79 -6.83 17.16
N PHE B 12 13.87 -7.59 16.56
CA PHE B 12 14.22 -8.47 15.46
C PHE B 12 14.70 -7.71 14.23
N LEU B 13 14.19 -6.49 14.06
CA LEU B 13 14.59 -5.62 12.97
C LEU B 13 16.05 -5.21 13.16
N LYS B 14 16.32 -4.60 14.30
CA LYS B 14 17.66 -4.12 14.67
C LYS B 14 18.66 -5.28 14.63
N LEU B 15 18.20 -6.44 15.06
CA LEU B 15 18.99 -7.67 15.09
C LEU B 15 19.61 -7.97 13.73
N ALA B 16 18.75 -8.20 12.74
CA ALA B 16 19.21 -8.49 11.39
C ALA B 16 19.99 -7.33 10.80
N HIS B 17 19.64 -6.10 11.18
CA HIS B 17 20.31 -4.91 10.66
C HIS B 17 21.78 -4.92 11.02
N ASP B 18 22.07 -5.09 12.31
CA ASP B 18 23.44 -5.11 12.79
C ASP B 18 24.24 -6.20 12.09
N PHE B 19 23.66 -7.40 12.00
CA PHE B 19 24.29 -8.52 11.31
C PHE B 19 24.55 -8.14 9.85
N GLY B 20 23.52 -7.62 9.19
CA GLY B 20 23.62 -7.27 7.78
C GLY B 20 24.69 -6.23 7.53
N GLU B 21 24.89 -5.35 8.51
CA GLU B 21 25.85 -4.28 8.41
C GLU B 21 27.29 -4.79 8.65
N LYS B 22 27.48 -5.56 9.71
CA LYS B 22 28.83 -6.03 10.06
C LYS B 22 29.32 -7.29 9.35
N LYS B 23 28.40 -8.18 8.98
CA LYS B 23 28.79 -9.44 8.37
C LYS B 23 28.46 -9.54 6.88
N LEU B 24 27.25 -9.13 6.51
CA LEU B 24 26.82 -9.28 5.12
C LEU B 24 27.39 -8.22 4.18
N ALA B 25 27.31 -6.97 4.60
CA ALA B 25 27.72 -5.84 3.77
C ALA B 25 29.13 -5.92 3.16
N PRO B 26 30.14 -6.26 3.98
CA PRO B 26 31.51 -6.27 3.45
C PRO B 26 31.77 -7.32 2.36
N THR B 27 31.30 -8.53 2.57
CA THR B 27 31.66 -9.63 1.68
C THR B 27 30.70 -9.92 0.51
N VAL B 28 29.53 -9.30 0.53
CA VAL B 28 28.50 -9.56 -0.48
C VAL B 28 28.96 -9.45 -1.93
N THR B 29 29.74 -8.42 -2.24
CA THR B 29 30.19 -8.21 -3.62
C THR B 29 31.10 -9.34 -4.08
N GLU B 30 32.00 -9.76 -3.19
CA GLU B 30 32.90 -10.86 -3.49
C GLU B 30 32.06 -12.10 -3.70
N ARG B 31 31.30 -12.47 -2.66
CA ARG B 31 30.49 -13.68 -2.67
C ARG B 31 29.54 -13.76 -3.86
N ASP B 32 28.95 -12.63 -4.25
CA ASP B 32 28.05 -12.62 -5.41
C ASP B 32 28.83 -12.83 -6.71
N HIS B 33 30.00 -12.21 -6.81
CA HIS B 33 30.84 -12.35 -8.01
C HIS B 33 31.25 -13.79 -8.23
N LYS B 34 31.63 -14.46 -7.14
CA LYS B 34 32.15 -15.82 -7.21
C LYS B 34 31.07 -16.89 -7.04
N GLY B 35 29.88 -16.46 -6.61
CA GLY B 35 28.77 -17.39 -6.43
C GLY B 35 28.94 -18.25 -5.20
N ILE B 36 29.60 -17.70 -4.19
CA ILE B 36 29.91 -18.43 -2.97
C ILE B 36 28.76 -18.51 -1.97
N TYR B 37 28.39 -19.74 -1.62
CA TYR B 37 27.45 -19.97 -0.53
C TYR B 37 28.30 -20.18 0.72
N ASP B 38 28.32 -19.17 1.58
CA ASP B 38 29.15 -19.16 2.77
C ASP B 38 28.39 -19.79 3.94
N LYS B 39 28.62 -21.08 4.17
CA LYS B 39 27.99 -21.83 5.25
C LYS B 39 28.16 -21.19 6.62
N GLU B 40 29.25 -20.44 6.80
CA GLU B 40 29.57 -19.86 8.09
C GLU B 40 28.68 -18.66 8.41
N LEU B 41 28.35 -17.87 7.40
CA LEU B 41 27.43 -16.75 7.58
C LEU B 41 26.07 -17.30 7.97
N ILE B 42 25.64 -18.34 7.25
CA ILE B 42 24.36 -18.98 7.50
C ILE B 42 24.29 -19.49 8.93
N ASP B 43 25.37 -20.11 9.40
CA ASP B 43 25.42 -20.60 10.77
C ASP B 43 25.31 -19.45 11.77
N GLU B 44 26.00 -18.35 11.49
CA GLU B 44 25.89 -17.17 12.34
C GLU B 44 24.45 -16.65 12.31
N LEU B 45 23.88 -16.56 11.12
CA LEU B 45 22.52 -16.08 10.92
C LEU B 45 21.57 -16.92 11.78
N LEU B 46 21.65 -18.23 11.59
CA LEU B 46 20.76 -19.18 12.25
C LEU B 46 20.82 -19.14 13.77
N SER B 47 21.94 -18.70 14.31
CA SER B 47 22.07 -18.60 15.77
C SER B 47 21.55 -17.28 16.33
N LEU B 48 21.17 -16.35 15.46
CA LEU B 48 20.66 -15.05 15.90
C LEU B 48 19.32 -15.12 16.64
N GLY B 49 18.51 -16.14 16.34
CA GLY B 49 17.22 -16.26 16.99
C GLY B 49 16.05 -15.96 16.07
N ILE B 50 16.33 -15.29 14.96
CA ILE B 50 15.30 -14.90 13.99
C ILE B 50 14.45 -16.09 13.53
N THR B 51 15.10 -17.24 13.37
CA THR B 51 14.45 -18.45 12.90
C THR B 51 13.24 -18.90 13.73
N GLY B 52 13.25 -18.60 15.02
CA GLY B 52 12.15 -19.02 15.88
C GLY B 52 11.24 -17.89 16.33
N ALA B 53 11.24 -16.80 15.58
CA ALA B 53 10.50 -15.60 15.96
C ALA B 53 9.07 -15.88 16.42
N TYR B 54 8.28 -16.52 15.56
CA TYR B 54 6.88 -16.73 15.86
C TYR B 54 6.52 -18.11 16.40
N PHE B 55 7.52 -18.94 16.65
CA PHE B 55 7.28 -20.29 17.17
C PHE B 55 7.27 -20.28 18.69
N GLU B 56 6.40 -21.09 19.28
CA GLU B 56 6.27 -21.10 20.73
C GLU B 56 7.54 -21.59 21.42
N GLU B 57 7.80 -21.02 22.59
CA GLU B 57 8.95 -21.35 23.42
C GLU B 57 9.00 -22.86 23.66
N LYS B 58 7.81 -23.45 23.67
CA LYS B 58 7.61 -24.89 23.71
C LYS B 58 8.62 -25.61 22.81
N TYR B 59 8.85 -25.05 21.62
CA TYR B 59 9.75 -25.65 20.63
C TYR B 59 11.07 -24.90 20.51
N GLY B 60 11.34 -24.00 21.47
CA GLY B 60 12.55 -23.21 21.44
C GLY B 60 12.44 -21.88 20.70
N GLY B 61 11.25 -21.28 20.71
CA GLY B 61 11.05 -20.03 20.01
C GLY B 61 10.62 -18.83 20.85
N SER B 62 10.50 -17.68 20.20
CA SER B 62 10.14 -16.42 20.86
C SER B 62 8.63 -16.13 20.82
N GLY B 63 7.87 -17.05 20.25
CA GLY B 63 6.44 -16.87 20.09
C GLY B 63 5.70 -16.50 21.36
N ASP B 64 6.01 -17.20 22.46
CA ASP B 64 5.36 -16.92 23.73
C ASP B 64 5.90 -15.69 24.44
N ASP B 65 6.92 -15.06 23.86
CA ASP B 65 7.53 -13.89 24.46
C ASP B 65 7.22 -12.61 23.70
N GLY B 66 6.32 -12.71 22.71
CA GLY B 66 5.93 -11.53 21.96
C GLY B 66 6.48 -11.45 20.55
N GLY B 67 7.17 -12.50 20.13
CA GLY B 67 7.65 -12.56 18.76
C GLY B 67 6.49 -12.99 17.88
N ASP B 68 6.49 -12.53 16.63
CA ASP B 68 5.42 -12.89 15.71
C ASP B 68 5.86 -12.83 14.26
N VAL B 69 4.97 -13.27 13.37
CA VAL B 69 5.26 -13.32 11.93
C VAL B 69 5.88 -12.03 11.44
N LEU B 70 5.28 -10.89 11.79
CA LEU B 70 5.80 -9.61 11.35
C LEU B 70 7.26 -9.39 11.78
N SER B 71 7.66 -9.95 12.92
CA SER B 71 9.05 -9.83 13.39
C SER B 71 9.96 -10.55 12.40
N TYR B 72 9.63 -11.82 12.14
CA TYR B 72 10.37 -12.65 11.21
C TYR B 72 10.42 -11.99 9.84
N ILE B 73 9.29 -11.46 9.39
CA ILE B 73 9.21 -10.79 8.11
C ILE B 73 10.10 -9.55 8.05
N LEU B 74 10.01 -8.71 9.08
CA LEU B 74 10.84 -7.51 9.17
C LEU B 74 12.33 -7.84 9.03
N ALA B 75 12.74 -8.95 9.62
CA ALA B 75 14.13 -9.38 9.52
C ALA B 75 14.44 -9.77 8.08
N VAL B 76 13.56 -10.54 7.45
CA VAL B 76 13.76 -10.97 6.06
C VAL B 76 13.99 -9.75 5.17
N GLU B 77 13.11 -8.76 5.29
CA GLU B 77 13.19 -7.50 4.54
C GLU B 77 14.55 -6.83 4.75
N GLU B 78 14.99 -6.82 6.02
CA GLU B 78 16.21 -6.17 6.39
C GLU B 78 17.42 -6.87 5.78
N LEU B 79 17.45 -8.20 5.84
CA LEU B 79 18.57 -8.96 5.29
C LEU B 79 18.63 -8.80 3.77
N ALA B 80 17.46 -8.65 3.15
CA ALA B 80 17.35 -8.53 1.70
C ALA B 80 17.97 -7.23 1.19
N LYS B 81 18.09 -6.25 2.08
CA LYS B 81 18.72 -4.97 1.74
C LYS B 81 20.22 -5.17 1.50
N TYR B 82 20.82 -6.01 2.33
CA TYR B 82 22.26 -6.27 2.27
C TYR B 82 22.60 -7.43 1.34
N ASP B 83 21.85 -8.52 1.46
CA ASP B 83 22.15 -9.71 0.69
C ASP B 83 20.86 -10.48 0.41
N ALA B 84 20.36 -10.37 -0.81
CA ALA B 84 19.13 -11.05 -1.18
C ALA B 84 19.27 -12.58 -1.19
N GLY B 85 20.45 -13.07 -1.52
CA GLY B 85 20.70 -14.51 -1.56
C GLY B 85 20.56 -15.14 -0.19
N VAL B 86 21.14 -14.48 0.80
CA VAL B 86 21.03 -14.92 2.19
C VAL B 86 19.60 -14.71 2.72
N ALA B 87 18.94 -13.65 2.27
CA ALA B 87 17.58 -13.34 2.70
C ALA B 87 16.63 -14.48 2.38
N ILE B 88 16.73 -15.01 1.16
CA ILE B 88 15.86 -16.10 0.74
C ILE B 88 16.28 -17.43 1.37
N THR B 89 17.56 -17.58 1.68
CA THR B 89 18.06 -18.77 2.38
C THR B 89 17.34 -18.86 3.73
N LEU B 90 17.28 -17.74 4.44
CA LEU B 90 16.58 -17.71 5.73
C LEU B 90 15.08 -17.94 5.56
N SER B 91 14.48 -17.21 4.63
CA SER B 91 13.04 -17.26 4.40
C SER B 91 12.53 -18.67 4.08
N ALA B 92 13.24 -19.38 3.21
CA ALA B 92 12.88 -20.75 2.86
C ALA B 92 12.82 -21.66 4.08
N THR B 93 13.82 -21.56 4.96
CA THR B 93 13.89 -22.43 6.13
C THR B 93 12.66 -22.29 6.99
N VAL B 94 12.34 -21.06 7.36
CA VAL B 94 11.23 -20.78 8.27
C VAL B 94 9.86 -20.99 7.64
N SER B 95 9.58 -20.25 6.57
CA SER B 95 8.26 -20.26 5.95
C SER B 95 7.90 -21.57 5.25
N LEU B 96 8.88 -22.15 4.55
CA LEU B 96 8.60 -23.30 3.71
C LEU B 96 8.95 -24.67 4.29
N CYS B 97 9.72 -24.73 5.36
CA CYS B 97 10.08 -26.01 5.93
C CYS B 97 9.66 -26.15 7.38
N ALA B 98 10.10 -25.23 8.23
CA ALA B 98 9.74 -25.28 9.64
C ALA B 98 8.23 -25.15 9.81
N ASN B 99 7.64 -24.12 9.21
CA ASN B 99 6.21 -23.87 9.34
C ASN B 99 5.31 -25.09 9.06
N PRO B 100 5.48 -25.76 7.90
CA PRO B 100 4.61 -26.92 7.63
C PRO B 100 4.76 -28.05 8.63
N ILE B 101 5.97 -28.26 9.16
CA ILE B 101 6.16 -29.25 10.22
C ILE B 101 5.40 -28.77 11.45
N TRP B 102 5.53 -27.49 11.75
CA TRP B 102 4.89 -26.86 12.88
C TRP B 102 3.37 -26.87 12.77
N GLN B 103 2.88 -26.81 11.53
CA GLN B 103 1.45 -26.72 11.28
C GLN B 103 0.80 -28.09 11.16
N PHE B 104 1.35 -28.96 10.31
CA PHE B 104 0.75 -30.26 10.04
C PHE B 104 1.46 -31.43 10.72
N GLY B 105 2.48 -31.13 11.51
CA GLY B 105 3.25 -32.19 12.13
C GLY B 105 2.73 -32.66 13.47
N THR B 106 2.96 -33.94 13.77
CA THR B 106 2.62 -34.49 15.07
C THR B 106 3.71 -34.06 16.03
N GLU B 107 3.46 -34.17 17.34
CA GLU B 107 4.43 -33.74 18.35
C GLU B 107 5.76 -34.46 18.25
N ALA B 108 5.73 -35.72 17.83
CA ALA B 108 6.96 -36.48 17.63
C ALA B 108 7.75 -35.84 16.50
N GLN B 109 7.07 -35.56 15.39
CA GLN B 109 7.72 -34.95 14.24
C GLN B 109 8.24 -33.56 14.59
N LYS B 110 7.53 -32.85 15.46
CA LYS B 110 7.95 -31.53 15.89
C LYS B 110 9.19 -31.61 16.76
N GLU B 111 9.13 -32.43 17.81
CA GLU B 111 10.26 -32.59 18.72
C GLU B 111 11.51 -33.04 17.99
N LYS B 112 11.32 -33.88 16.97
CA LYS B 112 12.44 -34.43 16.21
C LYS B 112 12.98 -33.45 15.15
N PHE B 113 12.08 -32.92 14.33
CA PHE B 113 12.47 -32.09 13.19
C PHE B 113 12.26 -30.58 13.33
N LEU B 114 11.20 -30.17 14.01
CA LEU B 114 10.90 -28.75 14.14
C LEU B 114 11.90 -28.01 15.03
N VAL B 115 12.09 -28.48 16.25
CA VAL B 115 12.94 -27.77 17.21
C VAL B 115 14.37 -27.47 16.72
N PRO B 116 15.00 -28.41 15.98
CA PRO B 116 16.31 -28.04 15.44
C PRO B 116 16.19 -26.80 14.54
N LEU B 117 15.26 -26.86 13.59
CA LEU B 117 15.04 -25.79 12.63
C LEU B 117 14.74 -24.47 13.34
N VAL B 118 13.90 -24.52 14.36
CA VAL B 118 13.55 -23.33 15.14
C VAL B 118 14.76 -22.77 15.88
N GLU B 119 15.57 -23.65 16.45
CA GLU B 119 16.73 -23.25 17.24
C GLU B 119 17.95 -22.86 16.42
N GLY B 120 17.87 -23.05 15.11
CA GLY B 120 18.96 -22.69 14.23
C GLY B 120 20.01 -23.78 14.13
N THR B 121 19.65 -24.98 14.55
CA THR B 121 20.54 -26.13 14.51
C THR B 121 20.60 -26.75 13.11
N LYS B 122 19.49 -26.66 12.37
CA LYS B 122 19.43 -27.25 11.04
C LYS B 122 18.82 -26.29 10.03
N LEU B 123 19.02 -26.58 8.75
CA LEU B 123 18.48 -25.75 7.67
C LEU B 123 17.50 -26.59 6.87
N GLY B 124 16.42 -25.97 6.41
CA GLY B 124 15.39 -26.72 5.70
C GLY B 124 15.22 -26.32 4.25
N ALA B 125 14.53 -27.15 3.49
CA ALA B 125 14.30 -26.91 2.07
C ALA B 125 12.91 -27.41 1.69
N PHE B 126 12.47 -27.05 0.50
CA PHE B 126 11.11 -27.32 0.04
C PHE B 126 11.20 -27.85 -1.39
N GLY B 127 10.93 -29.13 -1.57
CA GLY B 127 11.09 -29.74 -2.88
C GLY B 127 9.79 -30.10 -3.54
N LEU B 128 9.19 -29.15 -4.27
CA LEU B 128 7.91 -29.37 -4.94
C LEU B 128 8.06 -29.35 -6.46
N THR B 129 8.78 -28.35 -6.96
CA THR B 129 8.92 -28.16 -8.40
C THR B 129 9.78 -29.24 -9.04
N GLU B 130 9.36 -29.65 -10.23
CA GLU B 130 10.13 -30.56 -11.05
C GLU B 130 9.80 -30.25 -12.50
N PRO B 131 10.58 -30.78 -13.45
CA PRO B 131 10.40 -30.46 -14.87
C PRO B 131 8.97 -30.30 -15.36
N ASN B 132 8.11 -31.26 -15.08
CA ASN B 132 6.73 -31.15 -15.57
C ASN B 132 5.70 -30.67 -14.57
N ALA B 133 6.18 -30.16 -13.44
CA ALA B 133 5.31 -29.59 -12.42
C ALA B 133 5.88 -28.25 -12.02
N GLY B 134 5.57 -27.22 -12.79
CA GLY B 134 6.01 -25.88 -12.46
C GLY B 134 4.89 -25.14 -11.75
N THR B 135 4.14 -24.36 -12.53
CA THR B 135 2.96 -23.65 -12.01
C THR B 135 1.84 -24.68 -11.88
N ASP B 136 1.87 -25.70 -12.73
CA ASP B 136 0.95 -26.81 -12.61
C ASP B 136 1.57 -27.85 -11.69
N ALA B 137 1.44 -27.63 -10.38
CA ALA B 137 2.04 -28.52 -9.38
C ALA B 137 1.29 -29.85 -9.23
N SER B 138 1.05 -30.53 -10.35
CA SER B 138 0.33 -31.80 -10.37
C SER B 138 0.82 -32.65 -11.55
N GLY B 139 1.82 -32.14 -12.27
CA GLY B 139 2.46 -32.93 -13.31
C GLY B 139 3.69 -33.58 -12.70
N GLN B 140 3.54 -33.99 -11.45
CA GLN B 140 4.63 -34.56 -10.68
C GLN B 140 4.87 -36.01 -11.06
N GLN B 141 6.11 -36.29 -11.48
CA GLN B 141 6.54 -37.65 -11.84
C GLN B 141 6.94 -38.47 -10.63
N THR B 142 7.40 -37.81 -9.58
CA THR B 142 7.88 -38.47 -8.39
C THR B 142 6.86 -39.41 -7.77
N ILE B 143 7.23 -40.69 -7.67
CA ILE B 143 6.35 -41.74 -7.15
C ILE B 143 6.70 -42.03 -5.70
N ALA B 144 5.68 -42.35 -4.91
CA ALA B 144 5.88 -42.74 -3.53
C ALA B 144 5.02 -43.97 -3.28
N THR B 145 5.62 -45.13 -3.43
CA THR B 145 4.93 -46.41 -3.26
C THR B 145 5.07 -46.92 -1.83
N LYS B 146 4.07 -47.67 -1.38
CA LYS B 146 4.08 -48.26 -0.05
C LYS B 146 4.72 -49.64 -0.09
N ASN B 147 5.46 -49.99 0.96
CA ASN B 147 6.12 -51.30 1.06
C ASN B 147 5.42 -52.14 2.12
N ASP B 148 5.77 -53.42 2.18
CA ASP B 148 5.23 -54.31 3.21
C ASP B 148 5.68 -53.91 4.61
N ASP B 149 6.75 -53.13 4.69
CA ASP B 149 7.19 -52.57 5.97
C ASP B 149 6.16 -51.59 6.51
N GLY B 150 5.46 -50.93 5.58
CA GLY B 150 4.64 -49.80 5.94
C GLY B 150 5.46 -48.54 5.66
N THR B 151 6.67 -48.73 5.14
CA THR B 151 7.54 -47.62 4.77
C THR B 151 7.31 -47.30 3.29
N TYR B 152 7.81 -46.16 2.84
CA TYR B 152 7.58 -45.75 1.47
C TYR B 152 8.89 -45.65 0.68
N THR B 153 8.78 -45.77 -0.64
CA THR B 153 9.94 -45.68 -1.52
C THR B 153 9.69 -44.53 -2.50
N LEU B 154 10.65 -43.62 -2.58
CA LEU B 154 10.56 -42.48 -3.47
C LEU B 154 11.52 -42.62 -4.64
N ASN B 155 11.02 -42.28 -5.82
CA ASN B 155 11.83 -42.26 -7.04
C ASN B 155 11.44 -41.01 -7.81
N GLY B 156 12.42 -40.15 -8.06
CA GLY B 156 12.13 -38.94 -8.82
C GLY B 156 13.26 -37.93 -8.84
N SER B 157 12.90 -36.69 -9.12
CA SER B 157 13.85 -35.60 -9.18
C SER B 157 13.09 -34.35 -8.80
N LYS B 158 13.82 -33.32 -8.38
CA LYS B 158 13.22 -32.01 -8.12
C LYS B 158 14.18 -31.01 -8.72
N ILE B 159 13.62 -30.00 -9.36
CA ILE B 159 14.43 -29.02 -10.07
C ILE B 159 14.32 -27.68 -9.34
N PHE B 160 15.39 -26.91 -9.38
CA PHE B 160 15.43 -25.57 -8.79
C PHE B 160 15.21 -25.50 -7.29
N ILE B 161 15.68 -26.46 -6.50
CA ILE B 161 15.39 -26.41 -5.06
C ILE B 161 16.32 -25.49 -4.27
N THR B 162 15.76 -24.37 -3.80
CA THR B 162 16.48 -23.42 -2.96
C THR B 162 17.00 -24.12 -1.71
N ASN B 163 18.24 -23.81 -1.33
CA ASN B 163 18.90 -24.43 -0.18
C ASN B 163 19.31 -25.88 -0.46
N GLY B 164 19.05 -26.36 -1.67
CA GLY B 164 19.38 -27.72 -2.03
C GLY B 164 20.86 -27.99 -1.85
N GLY B 165 21.19 -29.21 -1.46
CA GLY B 165 22.58 -29.55 -1.20
C GLY B 165 22.95 -29.12 0.21
N ALA B 166 22.87 -27.82 0.49
CA ALA B 166 23.23 -27.27 1.79
C ALA B 166 22.30 -27.64 2.94
N ALA B 167 21.03 -27.90 2.63
CA ALA B 167 20.00 -28.15 3.65
C ALA B 167 20.11 -29.52 4.32
N ASP B 168 19.50 -29.63 5.50
CA ASP B 168 19.47 -30.88 6.27
C ASP B 168 18.10 -31.53 6.18
N ILE B 169 17.05 -30.74 6.37
CA ILE B 169 15.69 -31.26 6.35
C ILE B 169 14.94 -30.75 5.13
N TYR B 170 14.51 -31.68 4.29
CA TYR B 170 13.81 -31.37 3.05
C TYR B 170 12.36 -31.80 3.20
N ILE B 171 11.43 -30.95 2.79
CA ILE B 171 10.02 -31.34 2.70
C ILE B 171 9.81 -31.67 1.23
N VAL B 172 9.51 -32.93 0.94
CA VAL B 172 9.38 -33.40 -0.43
C VAL B 172 7.97 -33.91 -0.71
N PHE B 173 7.45 -33.58 -1.89
CA PHE B 173 6.11 -33.98 -2.28
C PHE B 173 6.19 -35.04 -3.36
N ALA B 174 5.43 -36.11 -3.18
CA ALA B 174 5.44 -37.25 -4.08
C ALA B 174 4.03 -37.73 -4.35
N MET B 175 3.80 -38.25 -5.55
CA MET B 175 2.51 -38.79 -5.92
C MET B 175 2.31 -40.20 -5.38
N THR B 176 1.43 -40.31 -4.38
CA THR B 176 1.07 -41.61 -3.83
C THR B 176 -0.05 -42.24 -4.65
N ASP B 177 -0.67 -41.42 -5.51
CA ASP B 177 -1.64 -41.92 -6.48
C ASP B 177 -1.68 -40.95 -7.65
N LYS B 178 -1.47 -41.49 -8.85
CA LYS B 178 -1.42 -40.70 -10.07
C LYS B 178 -2.69 -40.92 -10.89
N SER B 179 -3.83 -40.60 -10.31
CA SER B 179 -5.12 -40.80 -10.93
C SER B 179 -5.92 -39.64 -10.43
N LYS B 180 -5.97 -39.53 -9.11
CA LYS B 180 -6.48 -38.34 -8.45
C LYS B 180 -5.20 -37.52 -8.25
N GLY B 181 -4.79 -36.79 -9.28
CA GLY B 181 -3.50 -36.10 -9.21
C GLY B 181 -3.45 -35.05 -8.13
N ASN B 182 -4.21 -33.99 -8.36
CA ASN B 182 -4.33 -32.88 -7.42
C ASN B 182 -4.81 -33.34 -6.02
N HIS B 183 -5.47 -34.49 -5.97
CA HIS B 183 -5.95 -35.10 -4.72
C HIS B 183 -5.13 -36.35 -4.34
N GLY B 184 -3.88 -36.43 -4.80
CA GLY B 184 -3.10 -37.64 -4.60
C GLY B 184 -1.61 -37.43 -4.39
N ILE B 185 -1.25 -36.19 -4.04
CA ILE B 185 0.11 -35.83 -3.68
C ILE B 185 0.23 -36.01 -2.16
N THR B 186 1.37 -36.50 -1.70
CA THR B 186 1.60 -36.69 -0.26
C THR B 186 2.91 -35.99 0.10
N ALA B 187 2.97 -35.43 1.30
CA ALA B 187 4.17 -34.74 1.78
C ALA B 187 4.99 -35.65 2.68
N PHE B 188 6.31 -35.62 2.49
CA PHE B 188 7.24 -36.45 3.24
C PHE B 188 8.41 -35.61 3.72
N ILE B 189 8.97 -35.98 4.86
CA ILE B 189 10.16 -35.33 5.38
C ILE B 189 11.35 -36.21 5.02
N LEU B 190 12.37 -35.61 4.41
CA LEU B 190 13.61 -36.31 4.05
C LEU B 190 14.77 -35.69 4.79
N GLU B 191 15.63 -36.54 5.35
CA GLU B 191 16.85 -36.07 6.01
C GLU B 191 18.00 -36.18 5.03
N ASP B 192 18.85 -35.17 5.02
CA ASP B 192 20.06 -35.20 4.21
C ASP B 192 20.86 -36.43 4.60
N GLY B 193 21.34 -37.17 3.61
CA GLY B 193 22.14 -38.35 3.90
C GLY B 193 21.40 -39.67 3.81
N THR B 194 20.10 -39.64 3.51
CA THR B 194 19.34 -40.86 3.31
C THR B 194 19.90 -41.58 2.06
N PRO B 195 20.17 -42.89 2.16
CA PRO B 195 20.66 -43.63 0.99
C PRO B 195 19.70 -43.47 -0.19
N GLY B 196 20.24 -43.37 -1.40
CA GLY B 196 19.44 -43.13 -2.58
C GLY B 196 19.18 -41.65 -2.85
N PHE B 197 19.19 -40.85 -1.79
CA PHE B 197 18.93 -39.40 -1.87
C PHE B 197 20.20 -38.64 -2.26
N THR B 198 20.25 -38.19 -3.50
CA THR B 198 21.40 -37.46 -4.04
C THR B 198 21.00 -36.08 -4.61
N TYR B 199 22.00 -35.32 -5.08
CA TYR B 199 21.77 -34.01 -5.64
C TYR B 199 22.31 -33.95 -7.07
N GLY B 200 21.72 -33.10 -7.89
CA GLY B 200 22.16 -32.97 -9.27
C GLY B 200 22.98 -31.71 -9.47
N LYS B 201 23.08 -31.27 -10.72
CA LYS B 201 23.88 -30.09 -11.05
C LYS B 201 23.34 -28.84 -10.37
N LYS B 202 24.27 -27.96 -10.00
CA LYS B 202 23.92 -26.70 -9.35
C LYS B 202 23.42 -25.70 -10.38
N GLU B 203 22.37 -24.98 -10.04
CA GLU B 203 21.77 -23.98 -10.91
C GLU B 203 22.70 -22.81 -11.22
N ASP B 204 22.75 -22.46 -12.49
CA ASP B 204 23.55 -21.34 -12.97
C ASP B 204 22.57 -20.18 -13.17
N LYS B 205 22.40 -19.35 -12.13
CA LYS B 205 21.37 -18.31 -12.12
C LYS B 205 21.85 -16.90 -12.47
N MET B 206 20.89 -16.06 -12.89
CA MET B 206 21.17 -14.70 -13.34
C MET B 206 21.59 -13.75 -12.22
N GLY B 207 21.00 -13.92 -11.04
CA GLY B 207 21.33 -13.06 -9.91
C GLY B 207 20.97 -13.84 -8.67
N ILE B 208 21.22 -13.28 -7.50
CA ILE B 208 20.94 -13.97 -6.23
C ILE B 208 22.02 -15.06 -6.06
N HIS B 209 23.21 -14.76 -6.57
CA HIS B 209 24.35 -15.68 -6.58
C HIS B 209 24.77 -16.24 -5.22
N THR B 210 24.33 -15.59 -4.14
CA THR B 210 24.66 -16.05 -2.80
C THR B 210 23.75 -17.16 -2.28
N SER B 211 22.71 -17.46 -3.04
CA SER B 211 21.78 -18.52 -2.68
C SER B 211 22.16 -19.76 -3.51
N GLN B 212 22.13 -20.92 -2.87
CA GLN B 212 22.49 -22.17 -3.54
C GLN B 212 21.25 -22.89 -4.01
N THR B 213 21.15 -23.10 -5.32
CA THR B 213 19.99 -23.76 -5.90
C THR B 213 20.51 -25.02 -6.56
N MET B 214 19.89 -26.15 -6.28
CA MET B 214 20.40 -27.43 -6.75
C MET B 214 19.27 -28.42 -7.01
N GLU B 215 19.56 -29.43 -7.82
CA GLU B 215 18.60 -30.48 -8.13
C GLU B 215 18.70 -31.55 -7.05
N LEU B 216 17.62 -32.30 -6.84
CA LEU B 216 17.63 -33.42 -5.92
C LEU B 216 17.21 -34.62 -6.77
N VAL B 217 17.76 -35.78 -6.48
CA VAL B 217 17.41 -36.99 -7.21
C VAL B 217 17.11 -38.06 -6.18
N PHE B 218 15.98 -38.74 -6.35
CA PHE B 218 15.55 -39.78 -5.42
C PHE B 218 15.65 -41.09 -6.16
N GLN B 219 16.47 -42.00 -5.64
CA GLN B 219 16.72 -43.27 -6.30
C GLN B 219 16.42 -44.43 -5.33
N ASP B 220 15.17 -44.88 -5.32
CA ASP B 220 14.76 -46.00 -4.48
C ASP B 220 14.95 -45.65 -2.99
N VAL B 221 14.65 -44.40 -2.66
CA VAL B 221 14.80 -43.88 -1.31
C VAL B 221 13.70 -44.40 -0.39
N LYS B 222 14.06 -45.16 0.64
CA LYS B 222 13.07 -45.68 1.56
C LYS B 222 13.00 -44.88 2.86
N VAL B 223 11.80 -44.38 3.15
CA VAL B 223 11.55 -43.59 4.36
C VAL B 223 10.46 -44.24 5.20
N PRO B 224 10.60 -44.13 6.54
CA PRO B 224 9.58 -44.70 7.43
C PRO B 224 8.26 -43.93 7.37
N ALA B 225 7.17 -44.64 7.66
CA ALA B 225 5.84 -44.04 7.68
C ALA B 225 5.83 -42.83 8.61
N GLU B 226 6.72 -42.87 9.60
CA GLU B 226 6.88 -41.79 10.56
C GLU B 226 7.23 -40.45 9.89
N ASN B 227 7.94 -40.52 8.76
CA ASN B 227 8.34 -39.30 8.05
C ASN B 227 7.25 -38.68 7.19
N MET B 228 6.09 -39.33 7.10
CA MET B 228 4.99 -38.76 6.33
C MET B 228 4.39 -37.58 7.08
N LEU B 229 4.41 -36.41 6.44
CA LEU B 229 3.88 -35.20 7.04
C LEU B 229 2.42 -35.11 6.59
N GLY B 230 1.51 -35.18 7.55
CA GLY B 230 0.09 -35.10 7.25
C GLY B 230 -0.43 -36.38 6.63
N GLU B 231 -1.69 -36.34 6.19
CA GLU B 231 -2.34 -37.51 5.62
C GLU B 231 -1.91 -37.82 4.20
N GLU B 232 -2.05 -39.08 3.81
CA GLU B 232 -1.74 -39.50 2.46
C GLU B 232 -2.80 -38.90 1.55
N GLY B 233 -2.36 -38.28 0.45
CA GLY B 233 -3.29 -37.66 -0.49
C GLY B 233 -3.66 -36.22 -0.17
N LYS B 234 -3.10 -35.68 0.91
CA LYS B 234 -3.40 -34.31 1.32
C LYS B 234 -2.18 -33.39 1.12
N GLY B 235 -1.30 -33.79 0.21
CA GLY B 235 -0.08 -33.04 -0.03
C GLY B 235 -0.25 -31.70 -0.71
N PHE B 236 -1.17 -31.63 -1.67
CA PHE B 236 -1.45 -30.39 -2.42
C PHE B 236 -1.90 -29.27 -1.47
N LYS B 237 -2.80 -29.62 -0.56
CA LYS B 237 -3.31 -28.73 0.47
C LYS B 237 -2.14 -28.19 1.29
N ILE B 238 -1.24 -29.08 1.69
CA ILE B 238 -0.08 -28.71 2.51
C ILE B 238 0.91 -27.79 1.77
N ALA B 239 1.14 -28.06 0.49
CA ALA B 239 2.04 -27.23 -0.32
C ALA B 239 1.45 -25.82 -0.49
N MET B 240 0.20 -25.75 -0.92
CA MET B 240 -0.47 -24.48 -1.14
C MET B 240 -0.47 -23.60 0.11
N MET B 241 -0.86 -24.18 1.24
CA MET B 241 -0.96 -23.43 2.48
C MET B 241 0.37 -22.90 2.96
N THR B 242 1.43 -23.68 2.76
CA THR B 242 2.75 -23.23 3.17
C THR B 242 3.30 -22.22 2.16
N LEU B 243 2.88 -22.34 0.91
CA LEU B 243 3.25 -21.37 -0.12
C LEU B 243 2.56 -20.03 0.13
N ASP B 244 1.36 -20.06 0.70
CA ASP B 244 0.69 -18.80 1.04
C ASP B 244 1.58 -18.01 1.98
N GLY B 245 2.14 -18.69 2.97
CA GLY B 245 2.99 -18.02 3.94
C GLY B 245 4.31 -17.56 3.35
N GLY B 246 4.93 -18.42 2.56
CA GLY B 246 6.20 -18.09 1.93
C GLY B 246 6.10 -16.87 1.04
N ARG B 247 4.96 -16.69 0.40
CA ARG B 247 4.78 -15.54 -0.49
C ARG B 247 5.01 -14.22 0.22
N ILE B 248 4.74 -14.19 1.52
CA ILE B 248 4.97 -12.98 2.30
C ILE B 248 6.48 -12.80 2.45
N GLY B 249 7.19 -13.91 2.55
CA GLY B 249 8.65 -13.88 2.65
C GLY B 249 9.28 -13.30 1.39
N VAL B 250 8.89 -13.84 0.25
CA VAL B 250 9.36 -13.33 -1.04
C VAL B 250 8.93 -11.87 -1.26
N ALA B 251 7.74 -11.51 -0.80
CA ALA B 251 7.29 -10.13 -0.89
C ALA B 251 8.26 -9.25 -0.10
N ALA B 252 8.51 -9.64 1.14
CA ALA B 252 9.43 -8.94 2.01
C ALA B 252 10.84 -8.89 1.44
N GLN B 253 11.24 -9.95 0.74
CA GLN B 253 12.54 -9.97 0.07
C GLN B 253 12.58 -8.90 -1.02
N ALA B 254 11.55 -8.90 -1.87
CA ALA B 254 11.43 -7.93 -2.96
C ALA B 254 11.47 -6.50 -2.42
N LEU B 255 10.71 -6.26 -1.34
CA LEU B 255 10.66 -4.95 -0.70
C LEU B 255 12.07 -4.49 -0.30
N GLY B 256 12.80 -5.35 0.42
CA GLY B 256 14.17 -5.05 0.82
C GLY B 256 15.12 -4.74 -0.32
N ILE B 257 15.02 -5.49 -1.42
CA ILE B 257 15.86 -5.23 -2.58
C ILE B 257 15.58 -3.83 -3.13
N ALA B 258 14.30 -3.46 -3.12
CA ALA B 258 13.84 -2.15 -3.60
C ALA B 258 14.37 -1.02 -2.73
N GLU B 259 14.18 -1.16 -1.41
CA GLU B 259 14.70 -0.16 -0.47
C GLU B 259 16.21 -0.03 -0.63
N ALA B 260 16.88 -1.14 -0.94
CA ALA B 260 18.32 -1.14 -1.16
C ALA B 260 18.66 -0.20 -2.32
N ALA B 261 17.98 -0.41 -3.43
CA ALA B 261 18.16 0.41 -4.64
C ALA B 261 17.87 1.89 -4.42
N LEU B 262 16.78 2.19 -3.70
CA LEU B 262 16.41 3.57 -3.42
C LEU B 262 17.50 4.27 -2.60
N ALA B 263 17.93 3.59 -1.53
CA ALA B 263 18.99 4.10 -0.67
C ALA B 263 20.24 4.42 -1.49
N ASP B 264 20.63 3.48 -2.36
CA ASP B 264 21.81 3.68 -3.19
C ASP B 264 21.68 4.91 -4.08
N ALA B 265 20.55 4.99 -4.80
CA ALA B 265 20.27 6.10 -5.71
C ALA B 265 20.18 7.44 -4.99
N VAL B 266 19.61 7.45 -3.79
CA VAL B 266 19.49 8.70 -3.04
C VAL B 266 20.87 9.26 -2.70
N GLU B 267 21.72 8.46 -2.07
CA GLU B 267 23.04 8.92 -1.70
C GLU B 267 23.93 9.21 -2.92
N TYR B 268 23.73 8.48 -4.01
CA TYR B 268 24.49 8.74 -5.23
C TYR B 268 24.11 10.10 -5.82
N SER B 269 22.81 10.36 -5.90
CA SER B 269 22.28 11.60 -6.47
C SER B 269 22.86 12.85 -5.83
N LYS B 270 23.32 12.72 -4.59
CA LYS B 270 23.88 13.85 -3.87
C LYS B 270 25.38 14.03 -4.11
N GLN B 271 26.06 12.95 -4.50
CA GLN B 271 27.50 12.98 -4.68
C GLN B 271 27.91 13.21 -6.13
N ARG B 272 27.21 12.57 -7.06
CA ARG B 272 27.50 12.75 -8.47
C ARG B 272 27.16 14.17 -8.89
N VAL B 273 28.16 14.93 -9.30
CA VAL B 273 27.95 16.28 -9.80
C VAL B 273 28.20 16.32 -11.29
N GLN B 274 27.19 16.74 -12.04
CA GLN B 274 27.30 16.96 -13.46
C GLN B 274 26.68 18.33 -13.71
N PHE B 275 27.14 19.02 -14.74
CA PHE B 275 26.65 20.37 -15.04
C PHE B 275 26.73 21.28 -13.82
N GLY B 276 27.65 20.99 -12.91
CA GLY B 276 27.87 21.85 -11.76
C GLY B 276 26.96 21.59 -10.58
N LYS B 277 25.92 20.79 -10.77
CA LYS B 277 24.98 20.50 -9.71
C LYS B 277 25.02 19.02 -9.36
N PRO B 278 24.77 18.68 -8.09
CA PRO B 278 24.57 17.25 -7.78
C PRO B 278 23.30 16.78 -8.50
N LEU B 279 23.25 15.49 -8.84
CA LEU B 279 22.11 14.95 -9.59
C LEU B 279 20.75 15.30 -9.01
N CYS B 280 20.67 15.35 -7.68
CA CYS B 280 19.40 15.63 -6.99
C CYS B 280 18.83 17.01 -7.26
N LYS B 281 19.61 17.87 -7.91
CA LYS B 281 19.16 19.22 -8.25
C LYS B 281 18.37 19.27 -9.55
N PHE B 282 18.37 18.19 -10.32
CA PHE B 282 17.64 18.15 -11.58
C PHE B 282 16.28 17.54 -11.32
N GLN B 283 15.24 18.26 -11.71
CA GLN B 283 13.88 17.90 -11.34
C GLN B 283 13.51 16.47 -11.67
N SER B 284 13.92 15.98 -12.83
CA SER B 284 13.62 14.62 -13.22
C SER B 284 14.16 13.60 -12.21
N ILE B 285 15.42 13.76 -11.81
CA ILE B 285 16.04 12.88 -10.82
C ILE B 285 15.21 12.85 -9.53
N SER B 286 15.01 14.03 -8.92
CA SER B 286 14.17 14.17 -7.72
C SER B 286 12.83 13.44 -7.86
N PHE B 287 12.16 13.65 -8.99
CA PHE B 287 10.87 13.03 -9.23
C PHE B 287 10.96 11.50 -9.40
N LYS B 288 12.05 11.00 -9.98
CA LYS B 288 12.27 9.56 -10.09
C LYS B 288 12.43 8.97 -8.70
N LEU B 289 13.17 9.68 -7.85
CA LEU B 289 13.40 9.24 -6.49
C LEU B 289 12.11 9.24 -5.68
N ALA B 290 11.31 10.29 -5.85
CA ALA B 290 10.04 10.41 -5.13
C ALA B 290 9.05 9.33 -5.57
N ASP B 291 8.98 9.08 -6.87
CA ASP B 291 8.08 8.05 -7.38
C ASP B 291 8.48 6.66 -6.88
N MET B 292 9.78 6.36 -6.94
CA MET B 292 10.31 5.08 -6.45
C MET B 292 9.87 4.92 -5.00
N LYS B 293 10.03 5.99 -4.23
CA LYS B 293 9.65 5.99 -2.83
C LYS B 293 8.16 5.70 -2.64
N MET B 294 7.31 6.19 -3.55
CA MET B 294 5.88 5.96 -3.42
C MET B 294 5.52 4.50 -3.63
N GLN B 295 6.12 3.90 -4.66
CA GLN B 295 5.93 2.49 -4.95
C GLN B 295 6.37 1.62 -3.78
N ILE B 296 7.55 1.91 -3.23
CA ILE B 296 8.10 1.16 -2.10
C ILE B 296 7.18 1.19 -0.90
N GLU B 297 6.61 2.34 -0.62
CA GLU B 297 5.69 2.45 0.49
C GLU B 297 4.40 1.71 0.21
N ALA B 298 3.94 1.76 -1.03
CA ALA B 298 2.73 1.05 -1.42
C ALA B 298 2.87 -0.45 -1.19
N ALA B 299 3.98 -1.01 -1.66
CA ALA B 299 4.27 -2.43 -1.47
C ALA B 299 4.35 -2.77 0.02
N ARG B 300 5.07 -1.93 0.75
CA ARG B 300 5.33 -2.12 2.16
C ARG B 300 4.12 -2.50 3.01
N ASN B 301 3.12 -1.63 3.07
CA ASN B 301 1.96 -1.88 3.93
C ASN B 301 1.16 -3.13 3.54
N LEU B 302 1.28 -3.52 2.27
CA LEU B 302 0.67 -4.75 1.76
C LEU B 302 1.41 -5.98 2.31
N VAL B 303 2.74 -5.89 2.38
CA VAL B 303 3.55 -6.98 2.90
C VAL B 303 3.23 -7.15 4.38
N TYR B 304 3.29 -6.06 5.13
CA TYR B 304 3.01 -6.08 6.56
C TYR B 304 1.58 -6.56 6.84
N LYS B 305 0.65 -6.11 6.02
CA LYS B 305 -0.76 -6.47 6.14
C LYS B 305 -0.88 -7.99 6.19
N ALA B 306 -0.25 -8.67 5.23
CA ALA B 306 -0.31 -10.12 5.14
C ALA B 306 0.26 -10.79 6.38
N ALA B 307 1.42 -10.32 6.84
CA ALA B 307 2.07 -10.90 8.02
C ALA B 307 1.18 -10.79 9.26
N CYS B 308 0.55 -9.64 9.44
CA CYS B 308 -0.37 -9.42 10.55
C CYS B 308 -1.57 -10.35 10.45
N LYS B 309 -2.12 -10.46 9.24
CA LYS B 309 -3.28 -11.31 8.99
C LYS B 309 -2.97 -12.77 9.37
N LYS B 310 -1.79 -13.24 8.96
CA LYS B 310 -1.35 -14.59 9.27
C LYS B 310 -1.22 -14.80 10.78
N GLN B 311 -0.51 -13.90 11.46
CA GLN B 311 -0.34 -14.05 12.91
C GLN B 311 -1.65 -13.98 13.69
N GLU B 312 -2.68 -13.36 13.10
CA GLU B 312 -3.99 -13.23 13.74
C GLU B 312 -4.90 -14.44 13.54
N GLY B 313 -4.52 -15.33 12.64
CA GLY B 313 -5.34 -16.48 12.37
C GLY B 313 -6.42 -16.17 11.35
N LYS B 314 -6.26 -15.05 10.65
CA LYS B 314 -7.19 -14.65 9.59
C LYS B 314 -6.68 -15.20 8.28
N PRO B 315 -7.59 -15.66 7.40
CA PRO B 315 -7.18 -16.16 6.08
C PRO B 315 -6.44 -15.08 5.31
N PHE B 316 -5.22 -15.40 4.89
CA PHE B 316 -4.35 -14.42 4.24
C PHE B 316 -3.96 -14.80 2.82
N THR B 317 -4.66 -15.78 2.23
CA THR B 317 -4.32 -16.28 0.90
C THR B 317 -4.25 -15.19 -0.16
N VAL B 318 -5.32 -14.39 -0.28
CA VAL B 318 -5.35 -13.32 -1.26
C VAL B 318 -4.37 -12.19 -0.90
N ASP B 319 -4.32 -11.84 0.38
CA ASP B 319 -3.42 -10.76 0.82
C ASP B 319 -1.97 -11.07 0.46
N ALA B 320 -1.56 -12.32 0.68
CA ALA B 320 -0.21 -12.75 0.35
C ALA B 320 0.00 -12.59 -1.16
N ALA B 321 -0.93 -13.11 -1.93
CA ALA B 321 -0.89 -13.02 -3.39
C ALA B 321 -0.67 -11.57 -3.85
N ILE B 322 -1.41 -10.66 -3.22
CA ILE B 322 -1.34 -9.24 -3.55
C ILE B 322 0.01 -8.65 -3.16
N ALA B 323 0.47 -8.98 -1.95
CA ALA B 323 1.74 -8.48 -1.46
C ALA B 323 2.91 -8.96 -2.32
N LYS B 324 2.93 -10.25 -2.63
CA LYS B 324 3.98 -10.88 -3.43
C LYS B 324 4.13 -10.18 -4.78
N ARG B 325 3.00 -9.99 -5.46
CA ARG B 325 3.01 -9.37 -6.79
C ARG B 325 3.34 -7.89 -6.81
N VAL B 326 2.65 -7.10 -6.00
CA VAL B 326 2.90 -5.66 -6.00
C VAL B 326 4.33 -5.39 -5.57
N ALA B 327 4.82 -6.16 -4.60
CA ALA B 327 6.20 -6.04 -4.14
C ALA B 327 7.20 -6.42 -5.24
N SER B 328 6.97 -7.56 -5.90
CA SER B 328 7.91 -8.00 -6.92
C SER B 328 7.99 -7.03 -8.09
N ASP B 329 6.84 -6.52 -8.53
CA ASP B 329 6.79 -5.57 -9.64
C ASP B 329 7.48 -4.26 -9.26
N VAL B 330 7.20 -3.76 -8.06
CA VAL B 330 7.87 -2.56 -7.57
C VAL B 330 9.37 -2.79 -7.60
N ALA B 331 9.82 -3.88 -7.03
CA ALA B 331 11.23 -4.22 -6.99
C ALA B 331 11.84 -4.08 -8.37
N MET B 332 11.19 -4.67 -9.38
CA MET B 332 11.69 -4.61 -10.75
C MET B 332 11.70 -3.20 -11.34
N ARG B 333 10.65 -2.41 -11.08
CA ARG B 333 10.57 -1.02 -11.56
C ARG B 333 11.64 -0.16 -10.91
N VAL B 334 11.60 -0.10 -9.58
CA VAL B 334 12.54 0.67 -8.78
C VAL B 334 13.99 0.29 -9.05
N THR B 335 14.24 -1.00 -9.20
CA THR B 335 15.59 -1.46 -9.43
C THR B 335 16.12 -1.03 -10.80
N THR B 336 15.28 -1.12 -11.83
CA THR B 336 15.68 -0.75 -13.18
C THR B 336 15.94 0.76 -13.27
N GLU B 337 15.14 1.54 -12.56
CA GLU B 337 15.34 3.00 -12.51
C GLU B 337 16.67 3.33 -11.81
N ALA B 338 16.96 2.64 -10.71
CA ALA B 338 18.20 2.86 -9.96
C ALA B 338 19.45 2.76 -10.82
N VAL B 339 19.55 1.70 -11.61
CA VAL B 339 20.68 1.53 -12.52
C VAL B 339 20.82 2.76 -13.42
N GLN B 340 19.68 3.23 -13.93
CA GLN B 340 19.64 4.37 -14.83
C GLN B 340 20.24 5.62 -14.20
N ILE B 341 19.86 5.88 -12.95
CA ILE B 341 20.37 7.03 -12.21
C ILE B 341 21.90 6.97 -11.98
N PHE B 342 22.47 5.77 -11.97
CA PHE B 342 23.91 5.59 -11.78
C PHE B 342 24.69 5.72 -13.08
N GLY B 343 23.98 5.87 -14.19
CA GLY B 343 24.64 5.99 -15.48
C GLY B 343 25.42 4.74 -15.82
N GLY B 344 26.59 4.92 -16.43
CA GLY B 344 27.44 3.79 -16.79
C GLY B 344 27.89 3.01 -15.58
N TYR B 345 28.10 3.71 -14.45
CA TYR B 345 28.59 3.09 -13.22
C TYR B 345 27.63 2.05 -12.71
N GLY B 346 26.33 2.27 -12.96
CA GLY B 346 25.33 1.29 -12.56
C GLY B 346 25.45 0.00 -13.33
N TYR B 347 26.02 0.05 -14.54
CA TYR B 347 26.18 -1.15 -15.36
C TYR B 347 27.40 -1.97 -14.96
N SER B 348 28.18 -1.46 -14.02
CA SER B 348 29.36 -2.16 -13.52
C SER B 348 29.01 -3.03 -12.32
N GLU B 349 29.55 -4.24 -12.27
CA GLU B 349 29.31 -5.13 -11.15
C GLU B 349 30.19 -4.74 -9.97
N GLU B 350 30.85 -3.59 -10.08
CA GLU B 350 31.59 -3.00 -8.97
C GLU B 350 30.61 -2.30 -8.05
N TYR B 351 29.53 -1.80 -8.62
CA TYR B 351 28.54 -1.06 -7.87
C TYR B 351 27.38 -1.98 -7.49
N PRO B 352 26.65 -1.65 -6.41
CA PRO B 352 25.59 -2.52 -5.87
C PRO B 352 24.29 -2.49 -6.66
N VAL B 353 24.16 -1.48 -7.50
CA VAL B 353 22.91 -1.24 -8.20
C VAL B 353 22.58 -2.31 -9.25
N ALA B 354 23.59 -2.82 -9.94
CA ALA B 354 23.37 -3.84 -10.97
C ALA B 354 22.86 -5.13 -10.33
N ARG B 355 23.50 -5.54 -9.25
CA ARG B 355 23.14 -6.73 -8.50
C ARG B 355 21.66 -6.72 -8.14
N HIS B 356 21.20 -5.60 -7.61
CA HIS B 356 19.81 -5.46 -7.18
C HIS B 356 18.83 -5.75 -8.29
N MET B 357 19.11 -5.21 -9.48
CA MET B 357 18.26 -5.42 -10.64
C MET B 357 18.20 -6.89 -11.01
N ARG B 358 19.37 -7.55 -11.01
CA ARG B 358 19.42 -8.97 -11.31
C ARG B 358 18.61 -9.78 -10.31
N ASP B 359 18.67 -9.40 -9.05
CA ASP B 359 17.93 -10.10 -7.99
C ASP B 359 16.42 -9.90 -8.11
N ALA B 360 16.00 -8.67 -8.34
CA ALA B 360 14.58 -8.34 -8.42
C ALA B 360 13.80 -9.34 -9.28
N LYS B 361 14.40 -9.80 -10.37
CA LYS B 361 13.72 -10.68 -11.31
C LYS B 361 13.16 -12.01 -10.79
N ILE B 362 13.84 -12.68 -9.87
CA ILE B 362 13.27 -13.95 -9.38
C ILE B 362 12.01 -13.77 -8.58
N THR B 363 11.87 -12.63 -7.92
CA THR B 363 10.71 -12.39 -7.07
C THR B 363 9.39 -12.37 -7.84
N GLN B 364 9.46 -12.22 -9.16
CA GLN B 364 8.27 -12.24 -10.01
C GLN B 364 7.98 -13.66 -10.50
N ILE B 365 8.88 -14.58 -10.19
CA ILE B 365 8.83 -15.95 -10.70
C ILE B 365 8.67 -17.01 -9.62
N TYR B 366 9.63 -17.13 -8.71
CA TYR B 366 9.57 -18.25 -7.77
C TYR B 366 8.53 -18.12 -6.67
N GLU B 367 8.14 -19.27 -6.13
CA GLU B 367 7.06 -19.37 -5.15
C GLU B 367 5.72 -19.00 -5.77
N GLY B 368 5.57 -19.37 -7.04
CA GLY B 368 4.36 -19.01 -7.77
C GLY B 368 4.58 -17.68 -8.46
N THR B 369 4.52 -17.72 -9.79
CA THR B 369 4.72 -16.52 -10.59
C THR B 369 3.64 -15.46 -10.29
N ASN B 370 3.89 -14.24 -10.77
CA ASN B 370 2.94 -13.14 -10.60
C ASN B 370 1.59 -13.42 -11.26
N GLU B 371 1.62 -14.24 -12.31
CA GLU B 371 0.41 -14.66 -12.99
C GLU B 371 -0.46 -15.57 -12.12
N VAL B 372 0.14 -16.44 -11.31
CA VAL B 372 -0.68 -17.25 -10.41
C VAL B 372 -1.26 -16.32 -9.34
N GLN B 373 -0.51 -15.28 -8.99
CA GLN B 373 -0.96 -14.31 -8.00
C GLN B 373 -2.21 -13.61 -8.54
N LEU B 374 -2.21 -13.34 -9.85
CA LEU B 374 -3.39 -12.84 -10.53
C LEU B 374 -4.53 -13.86 -10.45
N MET B 375 -4.20 -15.13 -10.66
CA MET B 375 -5.18 -16.22 -10.58
C MET B 375 -5.83 -16.32 -9.19
N VAL B 376 -5.03 -16.23 -8.14
CA VAL B 376 -5.54 -16.33 -6.78
C VAL B 376 -6.44 -15.15 -6.42
N THR B 377 -6.05 -13.95 -6.84
CA THR B 377 -6.82 -12.76 -6.53
C THR B 377 -8.12 -12.69 -7.33
N GLY B 378 -8.03 -12.96 -8.63
CA GLY B 378 -9.21 -12.92 -9.48
C GLY B 378 -10.22 -14.00 -9.13
N GLY B 379 -9.72 -15.17 -8.76
CA GLY B 379 -10.60 -16.25 -8.36
C GLY B 379 -11.44 -15.82 -7.18
N ALA B 380 -10.81 -15.15 -6.23
CA ALA B 380 -11.50 -14.62 -5.06
C ALA B 380 -12.50 -13.56 -5.51
N LEU B 381 -12.03 -12.66 -6.37
CA LEU B 381 -12.81 -11.52 -6.84
C LEU B 381 -14.10 -11.93 -7.55
N LEU B 382 -14.09 -13.09 -8.19
CA LEU B 382 -15.23 -13.54 -8.98
C LEU B 382 -16.11 -14.59 -8.28
N ARG B 383 -16.16 -14.53 -6.95
CA ARG B 383 -16.96 -15.46 -6.17
C ARG B 383 -18.22 -14.75 -5.64
#